data_6DJE
#
_entry.id   6DJE
#
_cell.length_a   50.061
_cell.length_b   105.367
_cell.length_c   194.575
_cell.angle_alpha   90.00
_cell.angle_beta   90.00
_cell.angle_gamma   90.00
#
_symmetry.space_group_name_H-M   'P 21 21 21'
#
loop_
_entity.id
_entity.type
_entity.pdbx_description
1 polymer 'Tyrosyl-DNA phosphodiesterase 1'
2 non-polymer 1,2-ETHANEDIOL
3 non-polymer '4-hydroxy-8-(propan-2-yl)quinoline-3-carboxylic acid'
4 water water
#
_entity_poly.entity_id   1
_entity_poly.type   'polypeptide(L)'
_entity_poly.pdbx_seq_one_letter_code
;SGEGQDIWDMLDKGNPFQFYLTRVSGVKPKYNSGALHIKDILSPLFGTLVSSAQFNYCFDVDWLVKQYPPEFRKKPILLV
HGDKREAKAHLHAQAKPYENISLCQAKLDIAFGTHHTKMMLLLYEEGLRVVIHTSNLIHADWHQKTQGIWLSPLYPRIAD
GTHKSGESPTHFKADLISYLMAYNAPSLKEWIDVIHKHDLSETNVYLIGSTPGRFQGSQKDNWGHFRLKKLLKDHASSMP
NAESWPVVGQFSSVGSLGADESKWLCSEFKESMLTLGKESKTPGKSSVPLYLIYPSVENVRTSLEGYPAGGSLPYSIQTA
EKQNWLHSYFHKWSAETSGRSNAMPHIKTYMRPSPDFSKIAWFLVTSANLSKAAWGALEKNGTQLMIRSYELGVLFLPSA
FGLDSFKVKQKFFAGSQEPMATFPVPYDLPPELYGSKDRPWIWNIPYVKAPDTHGNMWVPS
;
_entity_poly.pdbx_strand_id   A,B
#
# COMPACT_ATOMS: atom_id res chain seq x y z
N ASN A 15 -20.69 5.27 -11.53
CA ASN A 15 -19.79 6.08 -10.71
C ASN A 15 -18.82 5.19 -9.93
N PRO A 16 -17.58 5.67 -9.75
CA PRO A 16 -16.60 4.87 -9.01
C PRO A 16 -16.71 4.97 -7.50
N PHE A 17 -17.50 5.90 -6.97
CA PHE A 17 -17.40 6.15 -5.52
C PHE A 17 -18.30 5.26 -4.69
N GLN A 18 -19.48 4.90 -5.19
CA GLN A 18 -20.38 3.98 -4.47
C GLN A 18 -20.72 4.52 -3.08
N PHE A 19 -20.90 5.83 -3.02
CA PHE A 19 -21.36 6.53 -1.84
C PHE A 19 -22.82 6.89 -2.05
N TYR A 20 -23.68 6.43 -1.15
CA TYR A 20 -25.13 6.62 -1.27
C TYR A 20 -25.69 7.27 -0.03
N LEU A 21 -26.86 7.89 -0.17
CA LEU A 21 -27.69 8.27 0.95
C LEU A 21 -28.84 7.28 1.09
N THR A 22 -29.37 7.19 2.32
CA THR A 22 -30.56 6.38 2.55
C THR A 22 -31.79 7.11 1.99
N ARG A 23 -32.81 6.32 1.65
CA ARG A 23 -34.09 6.86 1.22
C ARG A 23 -34.73 7.70 2.33
N VAL A 24 -35.39 8.79 1.95
CA VAL A 24 -36.08 9.65 2.91
C VAL A 24 -37.55 9.71 2.52
N SER A 25 -38.42 9.32 3.45
N SER A 25 -38.42 9.31 3.44
CA SER A 25 -39.85 9.37 3.20
CA SER A 25 -39.85 9.39 3.20
C SER A 25 -40.35 10.81 3.31
C SER A 25 -40.31 10.83 3.29
N GLY A 26 -40.89 11.34 2.22
CA GLY A 26 -41.45 12.67 2.20
C GLY A 26 -40.75 13.65 1.28
N VAL A 27 -39.64 13.27 0.66
CA VAL A 27 -39.06 14.12 -0.38
C VAL A 27 -39.60 13.64 -1.72
N LYS A 28 -39.44 14.46 -2.76
CA LYS A 28 -39.92 14.09 -4.08
C LYS A 28 -39.08 12.95 -4.66
N PRO A 29 -39.66 12.12 -5.53
CA PRO A 29 -38.93 10.95 -6.05
C PRO A 29 -37.56 11.25 -6.63
N LYS A 30 -37.37 12.44 -7.22
CA LYS A 30 -36.08 12.76 -7.81
C LYS A 30 -34.96 12.74 -6.77
N TYR A 31 -35.29 12.98 -5.51
CA TYR A 31 -34.29 12.98 -4.45
C TYR A 31 -34.10 11.61 -3.80
N ASN A 32 -34.85 10.60 -4.24
CA ASN A 32 -34.63 9.23 -3.78
C ASN A 32 -34.14 8.31 -4.89
N SER A 33 -34.02 8.82 -6.12
CA SER A 33 -33.70 7.96 -7.26
C SER A 33 -32.41 7.17 -7.01
N GLY A 34 -31.33 7.86 -6.67
CA GLY A 34 -30.10 7.16 -6.41
C GLY A 34 -29.87 6.77 -4.96
N ALA A 35 -30.91 6.80 -4.14
CA ALA A 35 -30.78 6.47 -2.73
C ALA A 35 -31.05 4.99 -2.49
N LEU A 36 -30.70 4.50 -1.31
CA LEU A 36 -30.83 3.08 -0.98
C LEU A 36 -31.55 2.93 0.35
N HIS A 37 -32.55 2.05 0.38
CA HIS A 37 -33.14 1.63 1.64
C HIS A 37 -32.49 0.31 2.04
N ILE A 38 -32.63 -0.03 3.33
CA ILE A 38 -31.99 -1.26 3.78
C ILE A 38 -32.52 -2.48 3.02
N LYS A 39 -33.81 -2.47 2.66
CA LYS A 39 -34.35 -3.58 1.86
C LYS A 39 -33.66 -3.67 0.50
N ASP A 40 -33.25 -2.54 -0.08
CA ASP A 40 -32.49 -2.61 -1.34
C ASP A 40 -31.11 -3.26 -1.12
N ILE A 41 -30.45 -2.94 -0.01
CA ILE A 41 -29.11 -3.48 0.23
C ILE A 41 -29.16 -4.98 0.42
N LEU A 42 -30.18 -5.48 1.10
CA LEU A 42 -30.30 -6.90 1.41
C LEU A 42 -31.05 -7.69 0.34
N SER A 43 -31.44 -7.05 -0.76
CA SER A 43 -32.27 -7.71 -1.76
C SER A 43 -31.45 -8.74 -2.54
N PRO A 44 -32.11 -9.77 -3.10
N PRO A 44 -32.10 -9.78 -3.10
CA PRO A 44 -31.36 -10.79 -3.85
CA PRO A 44 -31.35 -10.79 -3.85
C PRO A 44 -30.67 -10.25 -5.10
C PRO A 44 -30.67 -10.25 -5.09
N LEU A 45 -31.06 -9.06 -5.56
CA LEU A 45 -30.36 -8.44 -6.68
C LEU A 45 -28.91 -8.13 -6.31
N PHE A 46 -28.61 -7.96 -5.02
CA PHE A 46 -27.24 -7.69 -4.58
C PHE A 46 -26.42 -8.95 -4.38
N GLY A 47 -27.06 -10.10 -4.27
CA GLY A 47 -26.39 -11.37 -4.08
C GLY A 47 -27.29 -12.35 -3.33
N THR A 48 -26.97 -13.64 -3.47
CA THR A 48 -27.72 -14.70 -2.80
C THR A 48 -27.12 -14.94 -1.43
N LEU A 49 -27.81 -14.47 -0.40
CA LEU A 49 -27.25 -14.42 0.94
C LEU A 49 -27.06 -15.82 1.51
N VAL A 50 -25.88 -16.06 2.06
CA VAL A 50 -25.55 -17.27 2.82
C VAL A 50 -25.51 -16.98 4.31
N SER A 51 -24.98 -15.82 4.68
N SER A 51 -24.97 -15.83 4.70
CA SER A 51 -24.92 -15.40 6.06
CA SER A 51 -24.77 -15.46 6.10
C SER A 51 -24.63 -13.91 6.07
C SER A 51 -24.40 -13.98 6.14
N SER A 52 -24.71 -13.32 7.25
CA SER A 52 -24.44 -11.89 7.38
C SER A 52 -24.04 -11.58 8.82
N ALA A 53 -23.24 -10.52 8.98
CA ALA A 53 -22.92 -9.96 10.28
C ALA A 53 -23.37 -8.51 10.26
N GLN A 54 -24.08 -8.09 11.29
CA GLN A 54 -24.56 -6.73 11.46
C GLN A 54 -23.86 -6.11 12.65
N PHE A 55 -22.90 -5.22 12.39
CA PHE A 55 -22.24 -4.44 13.43
C PHE A 55 -23.05 -3.17 13.65
N ASN A 56 -23.40 -2.87 14.89
CA ASN A 56 -24.17 -1.64 15.08
C ASN A 56 -24.18 -1.27 16.56
N TYR A 57 -24.91 -0.19 16.85
CA TYR A 57 -25.06 0.35 18.19
C TYR A 57 -26.43 -0.04 18.75
N CYS A 58 -27.49 0.38 18.07
N CYS A 58 -27.50 0.32 18.03
CA CYS A 58 -28.87 0.06 18.43
CA CYS A 58 -28.87 0.09 18.46
C CYS A 58 -29.45 -0.96 17.46
C CYS A 58 -29.58 -0.83 17.47
N PHE A 59 -30.27 -1.85 17.98
CA PHE A 59 -30.95 -2.85 17.15
C PHE A 59 -32.42 -2.95 17.55
N ASP A 60 -33.30 -3.03 16.54
CA ASP A 60 -34.67 -3.54 16.69
C ASP A 60 -34.72 -4.84 15.88
N VAL A 61 -34.62 -5.98 16.58
CA VAL A 61 -34.37 -7.25 15.90
C VAL A 61 -35.59 -7.66 15.07
N ASP A 62 -36.80 -7.44 15.59
N ASP A 62 -36.80 -7.44 15.59
CA ASP A 62 -38.01 -7.74 14.83
CA ASP A 62 -38.00 -7.76 14.82
C ASP A 62 -38.04 -6.96 13.53
C ASP A 62 -38.03 -6.97 13.52
N TRP A 63 -37.80 -5.65 13.61
CA TRP A 63 -37.71 -4.82 12.41
C TRP A 63 -36.60 -5.32 11.49
N LEU A 64 -35.42 -5.61 12.05
CA LEU A 64 -34.28 -5.97 11.20
C LEU A 64 -34.54 -7.23 10.38
N VAL A 65 -35.13 -8.26 10.99
CA VAL A 65 -35.37 -9.50 10.25
C VAL A 65 -36.33 -9.24 9.10
N LYS A 66 -37.34 -8.37 9.31
CA LYS A 66 -38.26 -8.03 8.23
C LYS A 66 -37.60 -7.30 7.05
N GLN A 67 -36.39 -6.73 7.22
CA GLN A 67 -35.73 -6.09 6.09
C GLN A 67 -35.01 -7.08 5.18
N TYR A 68 -34.72 -8.28 5.68
CA TYR A 68 -34.17 -9.30 4.81
C TYR A 68 -35.30 -9.85 3.91
N PRO A 69 -34.98 -10.23 2.67
CA PRO A 69 -36.00 -10.83 1.82
C PRO A 69 -36.55 -12.09 2.49
N PRO A 70 -37.84 -12.40 2.28
CA PRO A 70 -38.42 -13.56 2.97
C PRO A 70 -37.60 -14.83 2.83
N GLU A 71 -37.05 -15.08 1.65
CA GLU A 71 -36.32 -16.32 1.41
C GLU A 71 -34.98 -16.36 2.15
N PHE A 72 -34.49 -15.21 2.62
CA PHE A 72 -33.21 -15.16 3.33
C PHE A 72 -33.35 -14.99 4.84
N ARG A 73 -34.57 -14.96 5.37
CA ARG A 73 -34.76 -14.60 6.77
C ARG A 73 -34.30 -15.66 7.76
N LYS A 74 -34.02 -16.88 7.30
CA LYS A 74 -33.51 -17.93 8.17
C LYS A 74 -32.01 -18.14 8.04
N LYS A 75 -31.33 -17.41 7.15
CA LYS A 75 -29.89 -17.51 7.05
C LYS A 75 -29.26 -16.98 8.35
N PRO A 76 -28.08 -17.48 8.72
CA PRO A 76 -27.46 -17.02 9.97
C PRO A 76 -27.17 -15.52 9.95
N ILE A 77 -27.42 -14.87 11.07
CA ILE A 77 -27.10 -13.45 11.31
C ILE A 77 -26.32 -13.36 12.61
N LEU A 78 -25.22 -12.63 12.59
CA LEU A 78 -24.47 -12.28 13.80
C LEU A 78 -24.71 -10.81 14.11
N LEU A 79 -25.11 -10.50 15.34
CA LEU A 79 -25.25 -9.11 15.77
C LEU A 79 -24.05 -8.75 16.63
N VAL A 80 -23.26 -7.77 16.19
CA VAL A 80 -22.10 -7.33 16.96
C VAL A 80 -22.46 -6.01 17.63
N HIS A 81 -22.40 -6.00 18.96
CA HIS A 81 -22.96 -4.93 19.76
C HIS A 81 -22.03 -4.68 20.94
N GLY A 82 -22.30 -3.62 21.69
CA GLY A 82 -21.48 -3.33 22.85
C GLY A 82 -22.21 -3.32 24.18
N ASP A 83 -23.43 -3.86 24.21
CA ASP A 83 -24.30 -3.71 25.36
C ASP A 83 -23.84 -4.54 26.55
N LYS A 84 -24.12 -4.04 27.76
CA LYS A 84 -23.76 -4.71 29.01
C LYS A 84 -24.97 -4.83 29.92
N ARG A 85 -24.89 -5.78 30.86
CA ARG A 85 -25.86 -5.91 31.94
C ARG A 85 -27.30 -5.98 31.43
N GLU A 86 -28.16 -5.06 31.89
CA GLU A 86 -29.57 -5.11 31.55
C GLU A 86 -29.81 -4.87 30.06
N ALA A 87 -29.04 -3.94 29.46
CA ALA A 87 -29.15 -3.71 28.02
C ALA A 87 -28.78 -4.96 27.24
N LYS A 88 -27.77 -5.70 27.70
CA LYS A 88 -27.39 -6.95 27.06
C LYS A 88 -28.50 -8.00 27.18
N ALA A 89 -29.10 -8.12 28.36
CA ALA A 89 -30.21 -9.05 28.53
C ALA A 89 -31.34 -8.71 27.56
N HIS A 90 -31.67 -7.41 27.44
CA HIS A 90 -32.76 -6.99 26.56
C HIS A 90 -32.48 -7.38 25.12
N LEU A 91 -31.25 -7.14 24.63
CA LEU A 91 -30.92 -7.54 23.26
C LEU A 91 -31.02 -9.06 23.08
N HIS A 92 -30.51 -9.83 24.04
CA HIS A 92 -30.64 -11.28 23.96
C HIS A 92 -32.10 -11.71 23.91
N ALA A 93 -32.95 -11.07 24.72
CA ALA A 93 -34.38 -11.37 24.68
C ALA A 93 -34.99 -11.06 23.31
N GLN A 94 -34.56 -9.96 22.69
CA GLN A 94 -35.08 -9.61 21.37
C GLN A 94 -34.78 -10.69 20.34
N ALA A 95 -33.59 -11.31 20.43
CA ALA A 95 -33.13 -12.24 19.41
C ALA A 95 -33.57 -13.66 19.64
N LYS A 96 -33.92 -14.02 20.88
CA LYS A 96 -34.28 -15.41 21.19
C LYS A 96 -35.38 -15.99 20.30
N PRO A 97 -36.42 -15.25 19.90
CA PRO A 97 -37.38 -15.83 18.94
C PRO A 97 -36.78 -16.28 17.62
N TYR A 98 -35.58 -15.82 17.26
CA TYR A 98 -34.96 -16.14 15.98
C TYR A 98 -33.78 -17.06 16.21
N GLU A 99 -33.95 -18.36 15.92
CA GLU A 99 -32.93 -19.35 16.19
C GLU A 99 -31.64 -19.13 15.39
N ASN A 100 -31.73 -18.45 14.24
CA ASN A 100 -30.59 -18.24 13.36
C ASN A 100 -29.72 -17.02 13.75
N ILE A 101 -30.07 -16.30 14.81
CA ILE A 101 -29.35 -15.10 15.21
C ILE A 101 -28.41 -15.42 16.35
N SER A 102 -27.12 -15.14 16.17
CA SER A 102 -26.11 -15.19 17.21
C SER A 102 -25.68 -13.77 17.57
N LEU A 103 -25.11 -13.61 18.76
CA LEU A 103 -24.70 -12.30 19.25
C LEU A 103 -23.23 -12.32 19.65
N CYS A 104 -22.55 -11.20 19.39
CA CYS A 104 -21.15 -11.01 19.76
C CYS A 104 -21.06 -9.72 20.54
N GLN A 105 -20.66 -9.81 21.82
CA GLN A 105 -20.52 -8.63 22.67
C GLN A 105 -19.10 -8.09 22.56
N ALA A 106 -18.97 -6.95 21.89
CA ALA A 106 -17.68 -6.30 21.77
C ALA A 106 -17.18 -5.82 23.13
N LYS A 107 -15.95 -6.21 23.48
CA LYS A 107 -15.41 -5.80 24.78
C LYS A 107 -15.16 -4.30 24.82
N LEU A 108 -15.54 -3.69 25.94
CA LEU A 108 -15.40 -2.25 26.15
C LEU A 108 -14.73 -2.06 27.51
N ASP A 109 -13.40 -2.24 27.53
CA ASP A 109 -12.63 -2.25 28.78
C ASP A 109 -12.24 -0.86 29.25
N ILE A 110 -12.57 0.20 28.51
CA ILE A 110 -12.30 1.56 28.92
C ILE A 110 -13.63 2.25 29.22
N ALA A 111 -13.68 2.97 30.33
CA ALA A 111 -14.94 3.57 30.78
C ALA A 111 -15.50 4.51 29.71
N PHE A 112 -16.83 4.55 29.62
CA PHE A 112 -17.57 5.46 28.76
C PHE A 112 -17.36 5.17 27.27
N GLY A 113 -16.87 3.98 26.95
CA GLY A 113 -16.79 3.59 25.56
C GLY A 113 -18.07 2.98 25.04
N THR A 114 -18.24 3.04 23.73
CA THR A 114 -19.43 2.54 23.06
C THR A 114 -19.00 1.79 21.80
N HIS A 115 -19.83 0.88 21.34
CA HIS A 115 -19.62 0.22 20.05
C HIS A 115 -20.48 0.93 19.01
N HIS A 116 -19.86 1.87 18.29
CA HIS A 116 -20.60 2.77 17.38
C HIS A 116 -20.51 2.37 15.91
N THR A 117 -19.58 1.48 15.57
CA THR A 117 -19.39 1.01 14.20
C THR A 117 -20.67 0.46 13.58
N LYS A 118 -20.97 0.92 12.36
CA LYS A 118 -22.11 0.43 11.58
C LYS A 118 -21.59 -0.23 10.32
N MET A 119 -21.70 -1.55 10.25
CA MET A 119 -21.12 -2.27 9.14
C MET A 119 -21.93 -3.53 8.92
N MET A 120 -22.09 -3.92 7.65
CA MET A 120 -22.64 -5.21 7.28
C MET A 120 -21.60 -6.00 6.54
N LEU A 121 -21.36 -7.24 6.95
CA LEU A 121 -20.63 -8.22 6.16
C LEU A 121 -21.67 -9.15 5.56
N LEU A 122 -21.70 -9.25 4.24
CA LEU A 122 -22.73 -10.00 3.54
C LEU A 122 -22.04 -11.08 2.72
N LEU A 123 -22.16 -12.33 3.17
CA LEU A 123 -21.55 -13.46 2.46
C LEU A 123 -22.60 -14.06 1.54
N TYR A 124 -22.25 -14.16 0.26
CA TYR A 124 -23.16 -14.68 -0.76
C TYR A 124 -22.59 -15.97 -1.35
N GLU A 125 -23.44 -16.66 -2.13
CA GLU A 125 -22.92 -17.70 -3.02
C GLU A 125 -21.91 -17.14 -4.02
N GLU A 126 -22.14 -15.92 -4.49
CA GLU A 126 -21.38 -15.31 -5.57
C GLU A 126 -20.14 -14.56 -5.09
N GLY A 127 -20.00 -14.35 -3.79
CA GLY A 127 -18.87 -13.57 -3.29
C GLY A 127 -19.18 -12.96 -1.93
N LEU A 128 -18.55 -11.81 -1.67
CA LEU A 128 -18.66 -11.14 -0.38
C LEU A 128 -18.85 -9.65 -0.61
N ARG A 129 -19.69 -9.02 0.20
CA ARG A 129 -19.85 -7.56 0.13
C ARG A 129 -19.67 -6.97 1.52
N VAL A 130 -19.08 -5.78 1.57
CA VAL A 130 -18.90 -5.03 2.80
C VAL A 130 -19.66 -3.73 2.67
N VAL A 131 -20.46 -3.39 3.68
CA VAL A 131 -21.23 -2.15 3.69
C VAL A 131 -20.87 -1.40 4.95
N ILE A 132 -20.36 -0.18 4.79
CA ILE A 132 -20.01 0.64 5.95
C ILE A 132 -20.90 1.86 5.88
N HIS A 133 -21.64 2.11 6.94
CA HIS A 133 -22.75 3.07 6.86
C HIS A 133 -22.88 3.79 8.19
N THR A 134 -23.95 4.59 8.34
CA THR A 134 -24.09 5.43 9.53
C THR A 134 -25.39 5.20 10.29
N SER A 135 -26.25 4.28 9.87
CA SER A 135 -27.59 4.13 10.45
C SER A 135 -27.62 3.04 11.50
N ASN A 136 -28.34 3.32 12.60
CA ASN A 136 -28.74 2.28 13.54
C ASN A 136 -29.78 1.34 12.88
N LEU A 137 -29.91 0.13 13.43
CA LEU A 137 -30.84 -0.84 12.83
C LEU A 137 -32.22 -0.75 13.50
N ILE A 138 -32.83 0.43 13.35
CA ILE A 138 -34.15 0.74 13.86
C ILE A 138 -34.88 1.52 12.77
N HIS A 139 -36.22 1.47 12.82
CA HIS A 139 -37.02 2.06 11.74
C HIS A 139 -36.73 3.55 11.56
N ALA A 140 -36.64 4.31 12.65
CA ALA A 140 -36.51 5.76 12.53
C ALA A 140 -35.20 6.19 11.88
N ASP A 141 -34.14 5.38 11.99
CA ASP A 141 -32.88 5.81 11.39
C ASP A 141 -32.87 5.71 9.88
N TRP A 142 -33.82 4.96 9.29
CA TRP A 142 -33.90 4.81 7.85
C TRP A 142 -35.11 5.49 7.26
N HIS A 143 -35.82 6.29 8.06
CA HIS A 143 -37.11 6.85 7.64
C HIS A 143 -36.97 8.28 7.11
N GLN A 144 -36.54 9.22 7.94
CA GLN A 144 -36.49 10.61 7.52
C GLN A 144 -35.18 11.28 7.94
N LYS A 145 -34.09 10.53 7.99
CA LYS A 145 -32.80 11.11 8.32
C LYS A 145 -31.89 11.15 7.09
N THR A 146 -30.88 12.02 7.14
CA THR A 146 -29.78 11.95 6.19
C THR A 146 -28.74 10.99 6.74
N GLN A 147 -28.52 9.88 6.04
CA GLN A 147 -27.56 8.87 6.43
C GLN A 147 -26.70 8.52 5.24
N GLY A 148 -25.47 8.04 5.50
CA GLY A 148 -24.54 7.70 4.45
C GLY A 148 -24.26 6.20 4.38
N ILE A 149 -24.01 5.72 3.16
CA ILE A 149 -23.68 4.32 2.90
C ILE A 149 -22.50 4.24 1.94
N TRP A 150 -21.51 3.40 2.24
CA TRP A 150 -20.53 3.01 1.23
C TRP A 150 -20.74 1.54 0.91
N LEU A 151 -20.90 1.22 -0.37
CA LEU A 151 -21.09 -0.15 -0.83
C LEU A 151 -19.82 -0.65 -1.50
N SER A 152 -19.25 -1.74 -0.97
CA SER A 152 -18.09 -2.35 -1.60
C SER A 152 -18.49 -3.00 -2.92
N PRO A 153 -17.52 -3.28 -3.78
CA PRO A 153 -17.79 -4.17 -4.91
C PRO A 153 -18.18 -5.55 -4.41
N LEU A 154 -18.74 -6.35 -5.32
CA LEU A 154 -18.86 -7.78 -5.07
C LEU A 154 -17.47 -8.40 -5.14
N TYR A 155 -16.98 -8.92 -4.01
CA TYR A 155 -15.64 -9.49 -3.94
C TYR A 155 -15.70 -10.97 -4.27
N PRO A 156 -15.03 -11.45 -5.31
CA PRO A 156 -15.09 -12.88 -5.63
C PRO A 156 -14.29 -13.71 -4.64
N ARG A 157 -14.60 -15.00 -4.59
CA ARG A 157 -13.82 -15.93 -3.79
C ARG A 157 -12.51 -16.24 -4.50
N ILE A 158 -11.45 -16.40 -3.72
CA ILE A 158 -10.20 -16.91 -4.27
C ILE A 158 -10.32 -18.42 -4.37
N ALA A 159 -10.02 -18.96 -5.55
CA ALA A 159 -10.16 -20.39 -5.79
C ALA A 159 -9.31 -21.17 -4.80
N ASP A 160 -9.88 -22.27 -4.29
CA ASP A 160 -9.12 -23.13 -3.38
C ASP A 160 -7.89 -23.67 -4.10
N GLY A 161 -6.74 -23.60 -3.43
CA GLY A 161 -5.47 -23.94 -4.02
C GLY A 161 -4.71 -22.77 -4.60
N THR A 162 -5.41 -21.74 -5.07
CA THR A 162 -4.75 -20.52 -5.54
C THR A 162 -4.19 -19.75 -4.34
N HIS A 163 -2.98 -19.23 -4.50
CA HIS A 163 -2.33 -18.38 -3.50
C HIS A 163 -2.19 -16.98 -4.06
N LYS A 164 -3.04 -16.07 -3.60
CA LYS A 164 -2.88 -14.66 -3.94
C LYS A 164 -3.31 -13.83 -2.73
N SER A 165 -2.86 -12.58 -2.70
CA SER A 165 -3.14 -11.75 -1.53
C SER A 165 -4.61 -11.32 -1.49
N GLY A 166 -5.20 -11.06 -2.66
CA GLY A 166 -6.52 -10.46 -2.68
C GLY A 166 -6.53 -9.05 -2.15
N GLU A 167 -5.37 -8.39 -2.12
CA GLU A 167 -5.22 -7.09 -1.47
C GLU A 167 -5.34 -5.94 -2.47
N SER A 168 -5.83 -4.80 -1.98
N SER A 168 -5.83 -4.80 -1.98
CA SER A 168 -5.99 -3.62 -2.83
CA SER A 168 -6.01 -3.60 -2.78
C SER A 168 -4.84 -2.65 -2.63
C SER A 168 -4.84 -2.65 -2.62
N PRO A 169 -4.65 -1.69 -3.53
CA PRO A 169 -3.61 -0.67 -3.32
C PRO A 169 -3.85 0.17 -2.07
N THR A 170 -5.07 0.21 -1.56
CA THR A 170 -5.36 0.92 -0.32
C THR A 170 -5.19 0.05 0.93
N HIS A 171 -4.80 -1.22 0.77
N HIS A 171 -4.78 -1.21 0.80
CA HIS A 171 -4.57 -2.14 1.88
CA HIS A 171 -4.55 -2.09 1.94
C HIS A 171 -5.85 -2.36 2.69
C HIS A 171 -5.84 -2.42 2.68
N PHE A 172 -6.98 -2.27 2.01
CA PHE A 172 -8.28 -2.43 2.68
C PHE A 172 -8.45 -3.81 3.30
N LYS A 173 -7.97 -4.88 2.63
CA LYS A 173 -8.22 -6.22 3.14
C LYS A 173 -7.49 -6.44 4.46
N ALA A 174 -6.19 -6.13 4.50
CA ALA A 174 -5.43 -6.25 5.74
C ALA A 174 -6.00 -5.32 6.80
N ASP A 175 -6.43 -4.12 6.42
CA ASP A 175 -6.89 -3.19 7.44
C ASP A 175 -8.24 -3.60 8.03
N LEU A 176 -9.13 -4.16 7.22
CA LEU A 176 -10.38 -4.68 7.75
C LEU A 176 -10.14 -5.89 8.66
N ILE A 177 -9.22 -6.77 8.28
CA ILE A 177 -8.89 -7.91 9.14
C ILE A 177 -8.30 -7.43 10.46
N SER A 178 -7.40 -6.45 10.40
N SER A 178 -7.40 -6.45 10.40
CA SER A 178 -6.85 -5.86 11.61
CA SER A 178 -6.86 -5.87 11.62
C SER A 178 -7.95 -5.29 12.50
C SER A 178 -7.94 -5.29 12.51
N TYR A 179 -8.90 -4.58 11.91
CA TYR A 179 -10.01 -4.01 12.69
C TYR A 179 -10.79 -5.12 13.41
N LEU A 180 -11.12 -6.21 12.69
CA LEU A 180 -11.87 -7.30 13.30
C LEU A 180 -11.05 -8.06 14.33
N MET A 181 -9.74 -8.20 14.11
N MET A 181 -9.74 -8.21 14.11
CA MET A 181 -8.88 -8.88 15.08
CA MET A 181 -8.89 -8.89 15.08
C MET A 181 -8.87 -8.17 16.42
C MET A 181 -8.88 -8.18 16.43
N ALA A 182 -9.07 -6.85 16.42
CA ALA A 182 -9.03 -6.08 17.66
C ALA A 182 -10.12 -6.49 18.65
N TYR A 183 -11.24 -7.04 18.16
CA TYR A 183 -12.31 -7.49 19.04
C TYR A 183 -11.93 -8.72 19.86
N ASN A 184 -10.99 -9.54 19.37
CA ASN A 184 -10.59 -10.76 20.08
C ASN A 184 -11.80 -11.67 20.34
N ALA A 185 -12.65 -11.82 19.34
CA ALA A 185 -13.94 -12.48 19.50
C ALA A 185 -14.04 -13.73 18.62
N PRO A 186 -14.45 -14.87 19.18
CA PRO A 186 -14.46 -16.10 18.37
C PRO A 186 -15.43 -16.05 17.20
N SER A 187 -16.60 -15.41 17.37
CA SER A 187 -17.53 -15.33 16.25
C SER A 187 -16.98 -14.50 15.11
N LEU A 188 -16.04 -13.60 15.38
CA LEU A 188 -15.47 -12.79 14.31
C LEU A 188 -14.22 -13.42 13.71
N LYS A 189 -13.62 -14.41 14.37
CA LYS A 189 -12.55 -15.15 13.71
C LYS A 189 -13.07 -15.87 12.48
N GLU A 190 -14.32 -16.33 12.55
CA GLU A 190 -14.93 -16.97 11.38
C GLU A 190 -15.07 -15.97 10.23
N TRP A 191 -15.46 -14.73 10.53
CA TRP A 191 -15.56 -13.72 9.48
C TRP A 191 -14.18 -13.33 8.95
N ILE A 192 -13.18 -13.27 9.82
CA ILE A 192 -11.81 -13.04 9.35
C ILE A 192 -11.40 -14.12 8.36
N ASP A 193 -11.69 -15.38 8.66
CA ASP A 193 -11.36 -16.45 7.73
C ASP A 193 -12.10 -16.32 6.41
N VAL A 194 -13.36 -15.84 6.45
CA VAL A 194 -14.12 -15.59 5.22
C VAL A 194 -13.43 -14.52 4.39
N ILE A 195 -13.04 -13.42 5.05
CA ILE A 195 -12.42 -12.32 4.30
C ILE A 195 -11.10 -12.77 3.68
N HIS A 196 -10.29 -13.53 4.42
CA HIS A 196 -9.03 -14.07 3.88
C HIS A 196 -9.28 -14.80 2.56
N LYS A 197 -10.44 -15.46 2.44
CA LYS A 197 -10.72 -16.28 1.28
C LYS A 197 -11.25 -15.50 0.10
N HIS A 198 -11.40 -14.17 0.20
CA HIS A 198 -11.97 -13.39 -0.88
C HIS A 198 -10.96 -12.37 -1.43
N ASP A 199 -11.20 -11.96 -2.66
CA ASP A 199 -10.35 -11.03 -3.39
C ASP A 199 -10.95 -9.63 -3.27
N LEU A 200 -10.28 -8.77 -2.48
CA LEU A 200 -10.74 -7.40 -2.25
C LEU A 200 -9.89 -6.38 -3.02
N SER A 201 -9.18 -6.81 -4.06
CA SER A 201 -8.21 -5.95 -4.71
C SER A 201 -8.85 -4.76 -5.41
N GLU A 202 -10.14 -4.81 -5.72
CA GLU A 202 -10.78 -3.72 -6.44
C GLU A 202 -11.15 -2.54 -5.56
N THR A 203 -10.94 -2.65 -4.24
CA THR A 203 -11.35 -1.59 -3.32
C THR A 203 -10.49 -0.35 -3.53
N ASN A 204 -11.15 0.81 -3.62
N ASN A 204 -11.13 0.83 -3.60
CA ASN A 204 -10.49 2.09 -3.85
CA ASN A 204 -10.39 2.06 -3.80
C ASN A 204 -10.60 3.05 -2.68
C ASN A 204 -10.60 3.06 -2.67
N VAL A 205 -11.10 2.61 -1.52
CA VAL A 205 -11.21 3.44 -0.33
C VAL A 205 -10.24 2.93 0.73
N TYR A 206 -9.82 3.82 1.63
CA TYR A 206 -9.04 3.46 2.81
C TYR A 206 -9.96 3.30 4.03
N LEU A 207 -9.70 2.26 4.83
CA LEU A 207 -10.44 2.06 6.06
C LEU A 207 -9.87 2.95 7.16
N ILE A 208 -10.75 3.66 7.89
CA ILE A 208 -10.33 4.40 9.07
C ILE A 208 -11.18 3.92 10.25
N GLY A 209 -10.56 3.22 11.16
CA GLY A 209 -11.28 2.71 12.30
C GLY A 209 -10.75 3.24 13.60
N SER A 210 -11.60 3.12 14.61
CA SER A 210 -11.23 3.33 16.00
C SER A 210 -11.57 2.06 16.75
N THR A 211 -10.72 1.72 17.70
N THR A 211 -10.67 1.66 17.65
CA THR A 211 -11.01 0.61 18.59
CA THR A 211 -10.95 0.58 18.58
C THR A 211 -10.49 0.99 19.96
C THR A 211 -10.51 1.04 19.97
N PRO A 212 -11.13 0.52 21.03
CA PRO A 212 -10.74 0.98 22.38
C PRO A 212 -9.34 0.51 22.73
N GLY A 213 -8.57 1.40 23.35
CA GLY A 213 -7.28 1.02 23.85
C GLY A 213 -6.37 2.21 24.05
N ARG A 214 -5.13 1.91 24.42
N ARG A 214 -5.13 1.91 24.41
CA ARG A 214 -4.07 2.90 24.60
CA ARG A 214 -4.07 2.90 24.61
C ARG A 214 -2.92 2.50 23.70
C ARG A 214 -2.91 2.49 23.70
N PHE A 215 -2.70 3.26 22.64
CA PHE A 215 -1.81 2.86 21.56
C PHE A 215 -0.54 3.71 21.56
N GLN A 216 0.61 3.05 21.59
CA GLN A 216 1.88 3.74 21.53
C GLN A 216 2.77 3.07 20.49
N GLY A 217 3.85 3.76 20.15
CA GLY A 217 4.88 3.15 19.32
C GLY A 217 4.34 2.76 17.95
N SER A 218 4.51 1.48 17.60
CA SER A 218 4.12 1.03 16.26
C SER A 218 2.61 1.02 16.05
N GLN A 219 1.84 1.07 17.14
CA GLN A 219 0.39 1.00 17.04
C GLN A 219 -0.27 2.38 17.06
N LYS A 220 0.51 3.43 17.27
CA LYS A 220 -0.02 4.78 17.45
C LYS A 220 -0.80 5.24 16.23
N ASP A 221 -0.34 4.87 15.02
CA ASP A 221 -0.93 5.33 13.76
C ASP A 221 -2.03 4.40 13.23
N ASN A 222 -2.40 3.39 14.01
CA ASN A 222 -3.37 2.38 13.54
C ASN A 222 -4.79 2.89 13.56
N TRP A 223 -5.12 3.82 14.45
CA TRP A 223 -6.53 4.10 14.74
C TRP A 223 -6.77 5.60 14.89
N GLY A 224 -8.04 5.96 14.77
CA GLY A 224 -8.46 7.31 15.17
C GLY A 224 -7.83 8.41 14.35
N HIS A 225 -7.64 9.58 14.99
CA HIS A 225 -7.20 10.68 14.16
C HIS A 225 -5.74 10.54 13.74
N PHE A 226 -4.94 9.71 14.42
CA PHE A 226 -3.58 9.44 13.94
C PHE A 226 -3.59 8.52 12.72
N ARG A 227 -4.58 7.64 12.60
CA ARG A 227 -4.75 6.87 11.37
C ARG A 227 -5.03 7.81 10.20
N LEU A 228 -5.94 8.76 10.39
CA LEU A 228 -6.23 9.73 9.33
C LEU A 228 -4.99 10.51 8.95
N LYS A 229 -4.26 10.98 9.97
CA LYS A 229 -3.05 11.76 9.73
C LYS A 229 -2.04 10.98 8.91
N LYS A 230 -1.87 9.70 9.26
CA LYS A 230 -0.90 8.86 8.56
C LYS A 230 -1.27 8.70 7.09
N LEU A 231 -2.56 8.46 6.82
CA LEU A 231 -3.03 8.31 5.45
C LEU A 231 -2.87 9.60 4.65
N LEU A 232 -3.14 10.74 5.27
CA LEU A 232 -3.01 12.02 4.57
C LEU A 232 -1.55 12.35 4.30
N LYS A 233 -0.67 12.01 5.24
CA LYS A 233 0.76 12.22 5.03
C LYS A 233 1.27 11.37 3.87
N ASP A 234 0.81 10.13 3.76
CA ASP A 234 1.35 9.15 2.82
C ASP A 234 0.70 9.20 1.44
N HIS A 235 -0.58 9.57 1.35
CA HIS A 235 -1.32 9.35 0.12
C HIS A 235 -2.01 10.59 -0.43
N ALA A 236 -1.83 11.75 0.20
CA ALA A 236 -2.28 13.02 -0.34
C ALA A 236 -1.07 13.92 -0.53
N SER A 237 -1.24 14.95 -1.34
CA SER A 237 -0.17 15.89 -1.61
C SER A 237 -0.58 17.28 -1.14
N SER A 238 0.40 18.04 -0.64
CA SER A 238 0.16 19.42 -0.31
C SER A 238 0.20 20.26 -1.58
N MET A 239 -0.68 21.25 -1.63
CA MET A 239 -0.75 22.20 -2.72
C MET A 239 -0.32 23.57 -2.23
N PRO A 240 0.03 24.49 -3.14
CA PRO A 240 0.30 25.86 -2.70
C PRO A 240 -0.98 26.49 -2.16
N ASN A 241 -0.81 27.36 -1.17
CA ASN A 241 -1.93 27.99 -0.49
C ASN A 241 -2.80 26.95 0.24
N ALA A 242 -2.17 25.86 0.68
CA ALA A 242 -2.89 24.82 1.42
C ALA A 242 -3.57 25.39 2.66
N GLU A 243 -2.96 26.40 3.30
CA GLU A 243 -3.55 26.97 4.49
C GLU A 243 -4.87 27.70 4.21
N SER A 244 -5.22 27.93 2.95
CA SER A 244 -6.51 28.49 2.58
C SER A 244 -7.58 27.43 2.31
N TRP A 245 -7.20 26.15 2.27
CA TRP A 245 -8.21 25.10 2.08
C TRP A 245 -8.85 24.78 3.43
N PRO A 246 -10.14 25.07 3.60
CA PRO A 246 -10.79 24.84 4.89
C PRO A 246 -10.86 23.36 5.24
N VAL A 247 -11.19 23.12 6.51
CA VAL A 247 -11.57 21.81 7.01
C VAL A 247 -13.04 21.88 7.39
N VAL A 248 -13.82 20.90 6.96
CA VAL A 248 -15.25 20.84 7.30
C VAL A 248 -15.50 19.56 8.08
N GLY A 249 -16.13 19.69 9.25
CA GLY A 249 -16.58 18.55 10.03
C GLY A 249 -18.08 18.66 10.25
N GLN A 250 -18.77 17.53 10.07
CA GLN A 250 -20.23 17.50 10.05
C GLN A 250 -20.66 16.27 10.85
N PHE A 251 -21.46 16.46 11.92
CA PHE A 251 -21.63 15.38 12.90
C PHE A 251 -22.99 15.49 13.57
N SER A 252 -23.34 14.47 14.35
CA SER A 252 -24.66 14.47 15.01
C SER A 252 -24.57 14.53 16.53
N SER A 253 -23.37 14.57 17.11
CA SER A 253 -23.22 14.90 18.52
C SER A 253 -21.80 15.38 18.76
N VAL A 254 -21.61 15.99 19.92
CA VAL A 254 -20.35 16.60 20.31
C VAL A 254 -20.00 16.11 21.71
N GLY A 255 -18.74 15.75 21.90
CA GLY A 255 -18.27 15.36 23.22
C GLY A 255 -17.78 16.58 23.98
N SER A 256 -17.28 16.32 25.19
N SER A 256 -17.28 16.31 25.19
CA SER A 256 -16.61 17.36 25.96
CA SER A 256 -16.60 17.35 25.96
C SER A 256 -15.21 17.55 25.38
C SER A 256 -15.21 17.55 25.37
N LEU A 257 -14.97 18.73 24.79
CA LEU A 257 -13.72 18.99 24.10
C LEU A 257 -12.72 19.80 24.92
N GLY A 258 -13.11 20.31 26.08
CA GLY A 258 -12.20 21.08 26.90
C GLY A 258 -12.63 22.53 27.04
N ALA A 259 -11.89 23.24 27.89
CA ALA A 259 -12.25 24.60 28.26
C ALA A 259 -12.00 25.61 27.16
N ASP A 260 -11.18 25.26 26.16
CA ASP A 260 -10.91 26.14 25.04
C ASP A 260 -10.43 25.30 23.87
N GLU A 261 -10.35 25.94 22.70
CA GLU A 261 -10.05 25.20 21.47
C GLU A 261 -8.66 24.60 21.49
N SER A 262 -7.74 25.16 22.27
CA SER A 262 -6.37 24.65 22.27
C SER A 262 -6.24 23.32 23.01
N LYS A 263 -7.24 22.91 23.78
CA LYS A 263 -7.13 21.69 24.58
C LYS A 263 -7.11 20.45 23.68
N TRP A 264 -7.91 20.43 22.61
CA TRP A 264 -7.98 19.24 21.75
C TRP A 264 -8.40 19.59 20.33
N LEU A 265 -9.43 20.42 20.18
CA LEU A 265 -10.04 20.64 18.87
C LEU A 265 -9.05 21.22 17.88
N CYS A 266 -8.39 22.31 18.25
CA CYS A 266 -7.50 23.00 17.32
C CYS A 266 -6.04 22.70 17.58
N SER A 267 -5.76 21.81 18.54
CA SER A 267 -4.38 21.38 18.75
C SER A 267 -4.18 20.05 18.04
N GLU A 268 -4.63 18.95 18.61
CA GLU A 268 -4.30 17.68 17.97
C GLU A 268 -5.31 17.26 16.91
N PHE A 269 -6.60 17.54 17.09
CA PHE A 269 -7.58 17.11 16.11
C PHE A 269 -7.40 17.85 14.78
N LYS A 270 -7.47 19.18 14.82
N LYS A 270 -7.47 19.18 14.81
CA LYS A 270 -7.29 19.97 13.61
CA LYS A 270 -7.29 19.93 13.57
C LYS A 270 -5.94 19.68 12.96
C LYS A 270 -5.93 19.67 12.95
N GLU A 271 -4.89 19.48 13.77
CA GLU A 271 -3.57 19.23 13.21
C GLU A 271 -3.55 17.96 12.38
N SER A 272 -4.22 16.90 12.85
CA SER A 272 -4.34 15.70 12.03
C SER A 272 -5.15 15.98 10.76
N MET A 273 -6.28 16.68 10.90
CA MET A 273 -7.17 16.99 9.78
C MET A 273 -6.52 17.88 8.73
N LEU A 274 -5.57 18.73 9.12
CA LEU A 274 -4.89 19.65 8.21
C LEU A 274 -3.76 19.00 7.44
N THR A 275 -3.36 17.78 7.80
CA THR A 275 -2.19 17.16 7.20
C THR A 275 -2.36 16.94 5.71
N LEU A 276 -1.31 17.23 4.95
CA LEU A 276 -1.28 16.95 3.52
C LEU A 276 0.16 16.69 3.12
N GLY A 277 0.46 15.49 2.64
CA GLY A 277 1.81 15.23 2.17
C GLY A 277 2.81 15.06 3.31
N LYS A 278 4.08 14.93 2.90
CA LYS A 278 5.14 14.47 3.81
C LYS A 278 5.97 15.60 4.41
N GLU A 279 5.76 16.84 3.99
CA GLU A 279 6.56 17.94 4.51
C GLU A 279 6.03 18.41 5.86
N SER A 280 6.82 19.22 6.55
CA SER A 280 6.44 19.74 7.86
C SER A 280 5.81 21.13 7.75
N SER A 287 -4.10 28.74 10.97
CA SER A 287 -5.03 29.75 10.46
C SER A 287 -5.99 29.19 9.41
N VAL A 288 -6.02 27.87 9.27
CA VAL A 288 -6.94 27.23 8.32
C VAL A 288 -8.37 27.39 8.82
N PRO A 289 -9.33 27.80 7.99
CA PRO A 289 -10.71 27.93 8.46
C PRO A 289 -11.29 26.58 8.80
N LEU A 290 -12.02 26.52 9.91
CA LEU A 290 -12.66 25.28 10.38
C LEU A 290 -14.16 25.52 10.42
N TYR A 291 -14.90 24.73 9.64
CA TYR A 291 -16.35 24.81 9.58
C TYR A 291 -16.89 23.57 10.25
N LEU A 292 -17.73 23.73 11.27
CA LEU A 292 -18.40 22.60 11.90
C LEU A 292 -19.89 22.71 11.63
N ILE A 293 -20.49 21.65 11.10
CA ILE A 293 -21.89 21.65 10.70
C ILE A 293 -22.66 20.81 11.70
N TYR A 294 -23.65 21.41 12.36
CA TYR A 294 -24.40 20.75 13.41
C TYR A 294 -25.78 21.40 13.50
N PRO A 295 -26.85 20.64 13.54
CA PRO A 295 -28.20 21.23 13.44
C PRO A 295 -28.50 22.22 14.57
N SER A 296 -29.05 23.37 14.19
CA SER A 296 -29.60 24.33 15.14
C SER A 296 -30.94 23.84 15.67
N VAL A 297 -31.44 24.53 16.70
CA VAL A 297 -32.79 24.24 17.20
C VAL A 297 -33.83 24.43 16.09
N GLU A 298 -33.68 25.50 15.30
N GLU A 298 -33.68 25.47 15.27
CA GLU A 298 -34.64 25.75 14.23
CA GLU A 298 -34.69 25.71 14.25
C GLU A 298 -34.57 24.63 13.19
C GLU A 298 -34.55 24.73 13.09
N ASN A 299 -33.35 24.18 12.84
CA ASN A 299 -33.24 23.04 11.92
C ASN A 299 -34.07 21.86 12.42
N VAL A 300 -34.00 21.57 13.72
CA VAL A 300 -34.70 20.41 14.27
C VAL A 300 -36.20 20.67 14.31
N ARG A 301 -36.59 21.85 14.76
CA ARG A 301 -38.01 22.17 14.89
C ARG A 301 -38.75 22.02 13.57
N THR A 302 -38.17 22.55 12.49
CA THR A 302 -38.84 22.55 11.20
C THR A 302 -38.56 21.29 10.38
N SER A 303 -37.94 20.29 10.98
CA SER A 303 -37.54 19.09 10.26
C SER A 303 -38.74 18.19 9.99
N LEU A 304 -38.53 17.21 9.10
CA LEU A 304 -39.57 16.24 8.80
C LEU A 304 -40.07 15.56 10.06
N GLU A 305 -39.15 15.16 10.95
CA GLU A 305 -39.53 14.48 12.18
C GLU A 305 -40.00 15.42 13.27
N GLY A 306 -39.65 16.70 13.19
CA GLY A 306 -39.89 17.61 14.29
C GLY A 306 -38.88 17.41 15.40
N TYR A 307 -39.24 17.90 16.58
CA TYR A 307 -38.37 17.79 17.75
C TYR A 307 -37.89 16.36 18.02
N PRO A 308 -38.67 15.31 17.78
CA PRO A 308 -38.15 13.96 18.02
C PRO A 308 -36.88 13.63 17.27
N ALA A 309 -36.61 14.31 16.14
CA ALA A 309 -35.30 14.15 15.49
C ALA A 309 -34.17 14.43 16.46
N GLY A 310 -34.39 15.31 17.43
CA GLY A 310 -33.38 15.64 18.41
C GLY A 310 -33.08 14.54 19.39
N GLY A 311 -33.92 13.49 19.45
CA GLY A 311 -33.57 12.31 20.23
C GLY A 311 -32.34 11.61 19.70
N SER A 312 -31.95 11.88 18.45
CA SER A 312 -30.77 11.27 17.84
C SER A 312 -29.63 12.28 17.64
N LEU A 313 -29.68 13.40 18.37
CA LEU A 313 -28.65 14.43 18.36
C LEU A 313 -28.33 14.72 19.82
N PRO A 314 -27.62 13.79 20.49
CA PRO A 314 -27.55 13.79 21.96
C PRO A 314 -26.47 14.70 22.56
N TYR A 315 -26.59 16.00 22.31
CA TYR A 315 -25.71 17.01 22.89
C TYR A 315 -26.35 17.52 24.19
N SER A 316 -25.71 17.24 25.32
CA SER A 316 -26.30 17.57 26.61
C SER A 316 -25.96 18.99 27.04
N ILE A 317 -26.87 19.60 27.81
CA ILE A 317 -26.60 20.95 28.31
C ILE A 317 -25.41 20.95 29.26
N GLN A 318 -25.24 19.87 30.03
CA GLN A 318 -24.09 19.77 30.92
C GLN A 318 -22.78 19.92 30.16
N THR A 319 -22.66 19.21 29.03
CA THR A 319 -21.47 19.33 28.20
C THR A 319 -21.39 20.70 27.55
N ALA A 320 -22.48 21.15 26.94
CA ALA A 320 -22.47 22.37 26.12
C ALA A 320 -22.09 23.59 26.94
N GLU A 321 -22.63 23.72 28.15
CA GLU A 321 -22.40 24.95 28.91
C GLU A 321 -20.94 25.09 29.33
N LYS A 322 -20.15 24.01 29.27
CA LYS A 322 -18.73 24.08 29.60
C LYS A 322 -17.86 24.47 28.41
N GLN A 323 -18.44 24.65 27.22
CA GLN A 323 -17.65 24.89 26.02
C GLN A 323 -18.41 25.80 25.06
N ASN A 324 -18.97 26.89 25.59
CA ASN A 324 -19.64 27.86 24.71
C ASN A 324 -18.70 28.38 23.61
N TRP A 325 -17.39 28.36 23.84
CA TRP A 325 -16.45 28.79 22.80
C TRP A 325 -16.67 28.00 21.50
N LEU A 326 -17.11 26.75 21.62
CA LEU A 326 -17.21 25.88 20.45
C LEU A 326 -18.28 26.37 19.48
N HIS A 327 -19.34 26.99 20.00
CA HIS A 327 -20.50 27.21 19.15
C HIS A 327 -20.27 28.33 18.14
N SER A 328 -19.22 29.14 18.30
N SER A 328 -19.23 29.14 18.30
CA SER A 328 -18.89 30.12 17.28
CA SER A 328 -18.90 30.13 17.27
C SER A 328 -18.44 29.46 15.98
C SER A 328 -18.36 29.48 16.00
N TYR A 329 -18.12 28.17 16.02
CA TYR A 329 -17.71 27.41 14.84
C TYR A 329 -18.88 26.76 14.11
N PHE A 330 -20.10 26.83 14.67
CA PHE A 330 -21.20 26.01 14.18
C PHE A 330 -21.91 26.66 12.99
N HIS A 331 -22.25 25.81 12.02
CA HIS A 331 -22.97 26.19 10.81
C HIS A 331 -24.22 25.32 10.70
N LYS A 332 -25.27 25.88 10.11
CA LYS A 332 -26.56 25.19 10.03
C LYS A 332 -26.47 23.96 9.11
N TRP A 333 -27.38 23.02 9.35
CA TRP A 333 -27.60 21.96 8.38
C TRP A 333 -28.38 22.53 7.20
N SER A 334 -27.81 22.37 6.01
CA SER A 334 -28.50 22.78 4.79
C SER A 334 -28.10 21.79 3.71
N ALA A 335 -29.08 21.22 3.02
CA ALA A 335 -28.80 20.19 2.03
C ALA A 335 -29.76 20.29 0.84
N GLU A 336 -29.95 21.50 0.31
CA GLU A 336 -30.74 21.65 -0.91
C GLU A 336 -30.20 20.81 -2.04
N THR A 337 -28.87 20.61 -2.10
CA THR A 337 -28.27 19.84 -3.18
C THR A 337 -28.83 18.42 -3.24
N SER A 338 -29.24 17.85 -2.11
CA SER A 338 -29.80 16.50 -2.07
C SER A 338 -31.26 16.48 -1.61
N GLY A 339 -31.92 17.64 -1.60
CA GLY A 339 -33.30 17.72 -1.16
C GLY A 339 -33.53 17.36 0.30
N ARG A 340 -32.50 17.47 1.14
CA ARG A 340 -32.51 16.90 2.48
C ARG A 340 -32.34 17.92 3.59
N SER A 341 -32.64 19.21 3.34
CA SER A 341 -32.49 20.22 4.40
C SER A 341 -33.38 19.92 5.60
N ASN A 342 -34.52 19.27 5.40
CA ASN A 342 -35.41 18.95 6.50
C ASN A 342 -35.28 17.50 6.97
N ALA A 343 -34.27 16.76 6.48
CA ALA A 343 -34.00 15.39 6.93
C ALA A 343 -32.76 15.46 7.82
N MET A 344 -32.94 15.38 9.13
CA MET A 344 -31.84 15.72 10.02
C MET A 344 -30.67 14.74 9.85
N PRO A 345 -29.45 15.23 9.98
CA PRO A 345 -28.28 14.37 9.71
C PRO A 345 -27.98 13.41 10.85
N HIS A 346 -27.82 12.14 10.51
CA HIS A 346 -27.15 11.18 11.36
C HIS A 346 -25.89 10.65 10.70
N ILE A 347 -25.68 10.99 9.42
CA ILE A 347 -24.39 10.82 8.77
C ILE A 347 -23.34 11.67 9.49
N LYS A 348 -22.08 11.23 9.47
CA LYS A 348 -20.96 12.06 9.89
C LYS A 348 -19.96 12.10 8.74
N THR A 349 -19.45 13.29 8.42
CA THR A 349 -18.52 13.45 7.31
C THR A 349 -17.47 14.49 7.67
N TYR A 350 -16.29 14.34 7.07
CA TYR A 350 -15.20 15.27 7.26
C TYR A 350 -14.55 15.43 5.89
N MET A 351 -14.18 16.65 5.52
CA MET A 351 -13.61 16.82 4.18
C MET A 351 -12.75 18.08 4.16
N ARG A 352 -12.01 18.24 3.07
CA ARG A 352 -11.05 19.33 2.90
C ARG A 352 -11.32 20.05 1.58
N PRO A 353 -12.27 20.99 1.55
CA PRO A 353 -12.56 21.70 0.29
C PRO A 353 -11.52 22.76 -0.04
N SER A 354 -11.50 23.14 -1.31
CA SER A 354 -10.72 24.27 -1.78
C SER A 354 -11.32 25.58 -1.26
N PRO A 355 -10.58 26.69 -1.36
CA PRO A 355 -11.10 27.96 -0.80
C PRO A 355 -12.42 28.39 -1.39
N ASP A 356 -12.71 28.04 -2.65
CA ASP A 356 -13.98 28.35 -3.26
C ASP A 356 -14.96 27.18 -3.24
N PHE A 357 -14.65 26.12 -2.50
CA PHE A 357 -15.54 24.97 -2.31
C PHE A 357 -15.89 24.25 -3.61
N SER A 358 -15.11 24.44 -4.67
CA SER A 358 -15.38 23.75 -5.93
C SER A 358 -14.70 22.40 -6.05
N LYS A 359 -13.65 22.16 -5.27
CA LYS A 359 -12.94 20.90 -5.26
C LYS A 359 -12.77 20.44 -3.82
N ILE A 360 -12.42 19.16 -3.62
CA ILE A 360 -12.07 18.68 -2.29
C ILE A 360 -10.82 17.81 -2.40
N ALA A 361 -9.94 17.93 -1.41
CA ALA A 361 -8.72 17.14 -1.36
C ALA A 361 -8.95 15.74 -0.84
N TRP A 362 -10.06 15.51 -0.14
CA TRP A 362 -10.45 14.20 0.41
C TRP A 362 -11.81 14.31 1.08
N PHE A 363 -12.44 13.15 1.29
CA PHE A 363 -13.77 13.05 1.90
C PHE A 363 -13.78 11.79 2.75
N LEU A 364 -14.31 11.90 3.97
CA LEU A 364 -14.45 10.77 4.90
C LEU A 364 -15.91 10.69 5.31
N VAL A 365 -16.49 9.50 5.24
CA VAL A 365 -17.79 9.21 5.83
C VAL A 365 -17.57 8.18 6.93
N THR A 366 -18.15 8.41 8.09
CA THR A 366 -17.78 7.61 9.24
C THR A 366 -18.92 7.60 10.27
N SER A 367 -18.80 6.69 11.24
CA SER A 367 -19.65 6.71 12.42
C SER A 367 -19.15 7.69 13.48
N ALA A 368 -17.93 8.22 13.33
CA ALA A 368 -17.28 8.99 14.39
C ALA A 368 -17.84 10.41 14.49
N ASN A 369 -18.39 10.74 15.66
CA ASN A 369 -18.83 12.10 15.98
C ASN A 369 -17.64 12.94 16.43
N LEU A 370 -17.90 14.21 16.81
CA LEU A 370 -16.81 15.11 17.18
C LEU A 370 -16.52 14.94 18.67
N SER A 371 -15.73 13.92 18.97
CA SER A 371 -15.48 13.59 20.37
C SER A 371 -14.12 12.92 20.50
N LYS A 372 -13.48 13.13 21.67
CA LYS A 372 -12.25 12.41 21.98
C LYS A 372 -12.48 10.91 22.09
N ALA A 373 -13.65 10.48 22.57
CA ALA A 373 -13.92 9.06 22.70
C ALA A 373 -13.79 8.35 21.36
N ALA A 374 -14.27 9.00 20.28
CA ALA A 374 -14.29 8.41 18.95
C ALA A 374 -12.96 8.56 18.24
N TRP A 375 -12.36 9.73 18.32
CA TRP A 375 -11.18 10.05 17.53
C TRP A 375 -9.87 9.82 18.27
N GLY A 376 -9.91 9.74 19.60
CA GLY A 376 -8.70 9.54 20.36
C GLY A 376 -8.18 10.84 20.95
N ALA A 377 -7.53 10.73 22.11
CA ALA A 377 -6.89 11.87 22.75
C ALA A 377 -5.51 11.43 23.23
N LEU A 378 -4.51 12.27 22.98
CA LEU A 378 -3.14 11.94 23.38
C LEU A 378 -3.01 11.94 24.90
N GLU A 379 -2.20 11.01 25.40
CA GLU A 379 -1.92 10.83 26.81
C GLU A 379 -0.42 10.63 26.97
N LYS A 380 0.02 10.62 28.23
CA LYS A 380 1.39 10.21 28.59
C LYS A 380 2.43 10.99 27.80
N ASN A 381 2.38 12.31 27.96
CA ASN A 381 3.37 13.21 27.36
C ASN A 381 3.40 13.03 25.85
N GLY A 382 2.22 12.90 25.25
CA GLY A 382 2.10 12.81 23.80
C GLY A 382 2.54 11.52 23.17
N THR A 383 2.76 10.47 23.95
CA THR A 383 3.29 9.22 23.43
C THR A 383 2.22 8.15 23.24
N GLN A 384 0.98 8.39 23.67
CA GLN A 384 -0.03 7.37 23.69
C GLN A 384 -1.35 7.95 23.21
N LEU A 385 -2.03 7.25 22.30
CA LEU A 385 -3.36 7.68 21.84
C LEU A 385 -4.39 6.80 22.51
N MET A 386 -5.27 7.41 23.31
CA MET A 386 -6.28 6.67 24.04
C MET A 386 -7.62 6.85 23.35
N ILE A 387 -8.26 5.74 23.01
CA ILE A 387 -9.55 5.71 22.32
C ILE A 387 -10.51 4.90 23.17
N ARG A 388 -11.74 5.39 23.33
CA ARG A 388 -12.70 4.67 24.15
C ARG A 388 -13.67 3.79 23.36
N SER A 389 -13.88 4.08 22.08
CA SER A 389 -14.99 3.51 21.34
C SER A 389 -14.55 2.76 20.07
N TYR A 390 -15.47 1.94 19.57
CA TYR A 390 -15.38 1.39 18.21
C TYR A 390 -16.05 2.35 17.24
N GLU A 391 -15.34 2.71 16.17
CA GLU A 391 -15.89 3.54 15.09
C GLU A 391 -15.32 3.02 13.78
N LEU A 392 -15.99 3.35 12.67
CA LEU A 392 -15.50 2.91 11.38
C LEU A 392 -15.99 3.85 10.27
N GLY A 393 -15.08 4.18 9.36
CA GLY A 393 -15.43 5.00 8.21
C GLY A 393 -14.55 4.65 7.04
N VAL A 394 -14.84 5.28 5.89
CA VAL A 394 -14.01 5.08 4.71
C VAL A 394 -13.59 6.43 4.16
N LEU A 395 -12.34 6.49 3.71
CA LEU A 395 -11.71 7.70 3.24
C LEU A 395 -11.54 7.64 1.73
N PHE A 396 -12.03 8.65 1.04
CA PHE A 396 -11.86 8.81 -0.39
C PHE A 396 -10.72 9.80 -0.63
N LEU A 397 -9.64 9.30 -1.24
CA LEU A 397 -8.47 10.11 -1.62
C LEU A 397 -8.34 10.18 -3.14
N PRO A 398 -8.15 11.37 -3.72
CA PRO A 398 -8.02 11.48 -5.18
C PRO A 398 -6.97 10.55 -5.75
N SER A 399 -5.83 10.38 -5.06
CA SER A 399 -4.77 9.54 -5.60
C SER A 399 -5.25 8.11 -5.82
N ALA A 400 -6.19 7.62 -5.01
CA ALA A 400 -6.72 6.26 -5.18
C ALA A 400 -7.56 6.12 -6.43
N PHE A 401 -7.90 7.24 -7.08
CA PHE A 401 -8.72 7.25 -8.28
C PHE A 401 -7.97 7.84 -9.47
N GLY A 402 -6.66 8.04 -9.33
CA GLY A 402 -5.86 8.61 -10.40
C GLY A 402 -6.03 10.10 -10.57
N LEU A 403 -6.42 10.82 -9.51
CA LEU A 403 -6.75 12.23 -9.60
C LEU A 403 -5.93 13.05 -8.61
N ASP A 404 -5.86 14.36 -8.89
CA ASP A 404 -5.21 15.30 -7.98
C ASP A 404 -6.18 15.83 -6.93
N SER A 405 -7.44 15.99 -7.31
CA SER A 405 -8.51 16.44 -6.42
C SER A 405 -9.81 15.92 -6.99
N PHE A 406 -10.88 16.00 -6.20
CA PHE A 406 -12.22 15.69 -6.66
C PHE A 406 -12.95 17.00 -6.98
N LYS A 407 -13.59 17.06 -8.14
CA LYS A 407 -14.54 18.15 -8.36
C LYS A 407 -15.80 17.88 -7.57
N VAL A 408 -16.39 18.91 -6.97
CA VAL A 408 -17.62 18.72 -6.21
C VAL A 408 -18.82 18.67 -7.15
N LYS A 409 -19.65 17.64 -7.00
CA LYS A 409 -20.87 17.51 -7.79
C LYS A 409 -21.86 18.62 -7.41
N GLN A 410 -22.40 19.29 -8.42
CA GLN A 410 -23.22 20.48 -8.12
C GLN A 410 -24.58 20.10 -7.55
N LYS A 411 -25.22 19.07 -8.09
CA LYS A 411 -26.43 18.51 -7.52
C LYS A 411 -26.18 17.04 -7.22
N PHE A 412 -26.49 16.61 -5.99
CA PHE A 412 -26.11 15.28 -5.54
C PHE A 412 -26.61 14.19 -6.48
N PHE A 413 -27.84 14.35 -6.99
CA PHE A 413 -28.49 13.33 -7.79
C PHE A 413 -28.49 13.66 -9.29
N ALA A 414 -27.73 14.66 -9.72
CA ALA A 414 -27.70 15.03 -11.12
C ALA A 414 -26.58 14.32 -11.86
N GLY A 415 -25.95 15.00 -12.82
CA GLY A 415 -24.86 14.41 -13.58
C GLY A 415 -24.33 15.30 -14.69
N MET A 420 -18.27 12.00 -14.29
CA MET A 420 -18.47 10.84 -13.42
C MET A 420 -17.40 10.82 -12.32
N ALA A 421 -16.33 11.60 -12.50
CA ALA A 421 -15.29 11.78 -11.49
C ALA A 421 -15.55 12.98 -10.59
N THR A 422 -16.81 13.35 -10.37
CA THR A 422 -17.16 14.43 -9.46
C THR A 422 -17.79 13.84 -8.20
N PHE A 423 -17.38 14.35 -7.07
CA PHE A 423 -17.75 13.64 -5.85
C PHE A 423 -19.06 14.17 -5.30
N PRO A 424 -19.99 13.31 -4.92
CA PRO A 424 -21.31 13.78 -4.48
C PRO A 424 -21.32 14.18 -3.01
N VAL A 425 -21.10 15.46 -2.74
CA VAL A 425 -21.18 15.97 -1.38
C VAL A 425 -22.66 16.15 -1.02
N PRO A 426 -23.13 15.59 0.10
CA PRO A 426 -24.59 15.54 0.33
C PRO A 426 -25.19 16.81 0.93
N TYR A 427 -24.41 17.81 1.30
CA TYR A 427 -24.97 19.03 1.85
C TYR A 427 -24.39 20.22 1.12
N ASP A 428 -24.95 21.40 1.40
CA ASP A 428 -24.62 22.58 0.63
C ASP A 428 -23.29 23.18 1.05
N LEU A 429 -22.58 23.76 0.07
CA LEU A 429 -21.37 24.50 0.29
C LEU A 429 -21.50 25.87 -0.35
N PRO A 430 -20.89 26.90 0.26
CA PRO A 430 -20.22 26.89 1.55
C PRO A 430 -21.25 26.74 2.65
N PRO A 431 -20.86 26.21 3.80
CA PRO A 431 -21.79 26.12 4.92
C PRO A 431 -22.16 27.49 5.45
N GLU A 432 -23.36 27.60 6.01
CA GLU A 432 -23.93 28.86 6.47
C GLU A 432 -23.81 28.98 7.99
N LEU A 433 -23.17 30.05 8.45
CA LEU A 433 -22.98 30.25 9.88
C LEU A 433 -24.31 30.43 10.59
N TYR A 434 -24.38 29.92 11.84
CA TYR A 434 -25.53 30.20 12.70
C TYR A 434 -25.81 31.70 12.73
N GLY A 435 -27.09 32.06 12.62
CA GLY A 435 -27.49 33.43 12.89
C GLY A 435 -27.40 33.76 14.37
N SER A 436 -27.52 35.06 14.68
CA SER A 436 -27.32 35.49 16.07
C SER A 436 -28.37 34.92 17.00
N LYS A 437 -29.55 34.58 16.48
CA LYS A 437 -30.61 34.01 17.30
C LYS A 437 -30.60 32.48 17.29
N ASP A 438 -29.73 31.86 16.50
CA ASP A 438 -29.67 30.41 16.47
C ASP A 438 -28.90 29.87 17.66
N ARG A 439 -29.24 28.66 18.05
CA ARG A 439 -28.58 27.94 19.12
C ARG A 439 -28.39 26.50 18.65
N PRO A 440 -27.34 25.83 19.11
CA PRO A 440 -27.17 24.42 18.76
C PRO A 440 -28.27 23.60 19.40
N TRP A 441 -28.68 22.55 18.69
CA TRP A 441 -29.62 21.61 19.30
C TRP A 441 -29.00 20.97 20.54
N ILE A 442 -29.69 21.11 21.67
CA ILE A 442 -29.28 20.51 22.94
C ILE A 442 -30.47 19.69 23.43
N TRP A 443 -30.26 18.38 23.62
CA TRP A 443 -31.41 17.48 23.59
C TRP A 443 -32.13 17.39 24.94
N ASN A 444 -31.50 17.78 26.04
CA ASN A 444 -32.08 17.57 27.36
C ASN A 444 -32.50 18.88 28.04
N ILE A 445 -32.94 19.86 27.24
CA ILE A 445 -33.61 21.06 27.75
C ILE A 445 -34.90 21.24 26.97
N PRO A 446 -35.86 21.97 27.52
CA PRO A 446 -37.15 22.13 26.83
C PRO A 446 -37.16 23.23 25.78
N TYR A 447 -37.97 23.02 24.74
CA TYR A 447 -38.24 24.01 23.71
C TYR A 447 -39.75 24.19 23.67
N VAL A 448 -40.23 25.31 24.21
CA VAL A 448 -41.66 25.50 24.42
C VAL A 448 -42.11 26.84 23.84
N LYS A 449 -41.30 27.44 22.97
CA LYS A 449 -41.66 28.74 22.39
C LYS A 449 -42.34 28.62 21.04
N ALA A 450 -42.03 27.59 20.25
CA ALA A 450 -42.62 27.40 18.94
C ALA A 450 -42.79 25.92 18.67
N PRO A 451 -43.92 25.50 18.11
CA PRO A 451 -44.18 24.08 17.91
C PRO A 451 -43.48 23.54 16.66
N ASP A 452 -43.33 22.21 16.61
CA ASP A 452 -42.62 21.59 15.50
C ASP A 452 -43.61 21.25 14.38
N THR A 453 -43.13 20.54 13.35
CA THR A 453 -43.95 20.24 12.18
C THR A 453 -45.12 19.32 12.48
N HIS A 454 -45.16 18.70 13.66
CA HIS A 454 -46.26 17.86 14.08
C HIS A 454 -47.12 18.53 15.15
N GLY A 455 -46.85 19.79 15.48
CA GLY A 455 -47.65 20.52 16.43
C GLY A 455 -47.22 20.41 17.87
N ASN A 456 -46.02 19.89 18.16
CA ASN A 456 -45.62 19.57 19.52
C ASN A 456 -44.41 20.41 19.95
N MET A 457 -44.28 20.55 21.28
CA MET A 457 -43.11 21.12 21.92
C MET A 457 -42.16 19.99 22.33
N TRP A 458 -41.05 20.36 22.95
CA TRP A 458 -40.05 19.40 23.44
C TRP A 458 -39.92 19.58 24.94
N VAL A 459 -40.36 18.59 25.70
CA VAL A 459 -40.22 18.63 27.16
C VAL A 459 -39.56 17.33 27.61
N PRO A 460 -38.22 17.31 27.78
CA PRO A 460 -37.46 16.11 28.15
C PRO A 460 -37.91 15.48 29.47
N ASN B 15 6.25 -19.87 -14.44
CA ASN B 15 6.23 -19.95 -12.98
C ASN B 15 5.53 -18.72 -12.41
N PRO B 16 4.81 -18.91 -11.29
CA PRO B 16 3.98 -17.81 -10.76
C PRO B 16 4.77 -16.58 -10.30
N PHE B 17 6.05 -16.73 -9.95
CA PHE B 17 6.87 -15.60 -9.52
C PHE B 17 7.47 -14.84 -10.69
N GLN B 18 7.43 -15.41 -11.90
CA GLN B 18 7.98 -14.77 -13.10
C GLN B 18 9.44 -14.37 -12.91
N PHE B 19 10.18 -15.21 -12.21
CA PHE B 19 11.61 -15.07 -12.00
C PHE B 19 12.32 -16.11 -12.86
N TYR B 20 13.15 -15.64 -13.77
CA TYR B 20 13.80 -16.50 -14.76
C TYR B 20 15.31 -16.37 -14.68
N LEU B 21 16.01 -17.42 -15.12
CA LEU B 21 17.43 -17.30 -15.39
C LEU B 21 17.65 -17.13 -16.89
N THR B 22 18.81 -16.60 -17.25
CA THR B 22 19.14 -16.51 -18.66
C THR B 22 19.58 -17.86 -19.17
N ARG B 23 19.44 -18.05 -20.48
CA ARG B 23 19.93 -19.25 -21.13
C ARG B 23 21.46 -19.34 -21.03
N VAL B 24 21.96 -20.53 -20.78
CA VAL B 24 23.40 -20.76 -20.67
C VAL B 24 23.81 -21.74 -21.77
N SER B 25 24.74 -21.31 -22.62
N SER B 25 24.73 -21.30 -22.62
CA SER B 25 25.23 -22.17 -23.67
CA SER B 25 25.25 -22.17 -23.67
C SER B 25 26.24 -23.17 -23.12
C SER B 25 26.22 -23.19 -23.09
N GLY B 26 26.10 -24.44 -23.53
CA GLY B 26 27.03 -25.45 -23.10
C GLY B 26 26.61 -26.24 -21.88
N VAL B 27 25.36 -26.14 -21.45
CA VAL B 27 24.79 -27.04 -20.47
C VAL B 27 23.73 -27.88 -21.17
N LYS B 28 23.34 -28.97 -20.53
CA LYS B 28 22.31 -29.84 -21.07
C LYS B 28 21.01 -29.05 -21.25
N PRO B 29 20.21 -29.38 -22.27
CA PRO B 29 19.00 -28.58 -22.56
C PRO B 29 17.99 -28.56 -21.42
N LYS B 30 18.01 -29.56 -20.54
CA LYS B 30 17.08 -29.58 -19.41
C LYS B 30 17.30 -28.39 -18.50
N TYR B 31 18.52 -27.85 -18.46
CA TYR B 31 18.85 -26.69 -17.65
C TYR B 31 18.57 -25.37 -18.34
N ASN B 32 18.03 -25.40 -19.55
CA ASN B 32 17.57 -24.19 -20.22
C ASN B 32 16.08 -24.23 -20.52
N SER B 33 15.36 -25.25 -20.06
CA SER B 33 13.95 -25.38 -20.44
C SER B 33 13.14 -24.17 -19.98
N GLY B 34 13.35 -23.73 -18.73
CA GLY B 34 12.63 -22.57 -18.26
C GLY B 34 13.41 -21.26 -18.28
N ALA B 35 14.49 -21.20 -19.06
CA ALA B 35 15.36 -20.03 -19.09
C ALA B 35 14.95 -19.12 -20.24
N LEU B 36 15.45 -17.88 -20.20
CA LEU B 36 15.11 -16.89 -21.22
C LEU B 36 16.36 -16.31 -21.85
N HIS B 37 16.35 -16.20 -23.18
CA HIS B 37 17.32 -15.40 -23.89
C HIS B 37 16.71 -14.05 -24.22
N ILE B 38 17.56 -13.04 -24.43
CA ILE B 38 17.07 -11.71 -24.77
C ILE B 38 16.18 -11.76 -26.01
N LYS B 39 16.53 -12.61 -26.98
CA LYS B 39 15.68 -12.78 -28.15
C LYS B 39 14.28 -13.27 -27.78
N ASP B 40 14.17 -14.11 -26.74
CA ASP B 40 12.85 -14.54 -26.27
C ASP B 40 12.07 -13.37 -25.70
N ILE B 41 12.75 -12.50 -24.94
CA ILE B 41 12.06 -11.39 -24.28
C ILE B 41 11.49 -10.43 -25.31
N LEU B 42 12.21 -10.22 -26.41
CA LEU B 42 11.81 -9.26 -27.43
C LEU B 42 10.98 -9.88 -28.54
N SER B 43 10.67 -11.17 -28.46
CA SER B 43 9.94 -11.88 -29.50
C SER B 43 8.52 -11.33 -29.66
N PRO B 44 7.91 -11.48 -30.85
N PRO B 44 7.92 -11.48 -30.85
CA PRO B 44 6.53 -11.03 -31.03
CA PRO B 44 6.53 -11.03 -31.03
C PRO B 44 5.51 -11.81 -30.22
C PRO B 44 5.52 -11.80 -30.19
N LEU B 45 5.88 -12.97 -29.66
CA LEU B 45 4.99 -13.69 -28.77
C LEU B 45 4.74 -12.92 -27.48
N PHE B 46 5.64 -12.01 -27.11
CA PHE B 46 5.50 -11.18 -25.92
C PHE B 46 4.68 -9.91 -26.17
N GLY B 47 4.58 -9.47 -27.41
CA GLY B 47 3.79 -8.29 -27.77
C GLY B 47 4.29 -7.65 -29.04
N THR B 48 3.47 -6.77 -29.61
CA THR B 48 3.79 -6.03 -30.84
C THR B 48 4.49 -4.73 -30.47
N LEU B 49 5.81 -4.71 -30.56
CA LEU B 49 6.59 -3.62 -30.00
C LEU B 49 6.32 -2.31 -30.73
N VAL B 50 6.00 -1.27 -29.96
CA VAL B 50 5.85 0.08 -30.48
C VAL B 50 7.10 0.91 -30.21
N SER B 51 7.67 0.79 -29.01
N SER B 51 7.69 0.75 -29.02
CA SER B 51 8.92 1.45 -28.66
CA SER B 51 8.84 1.53 -28.57
C SER B 51 9.46 0.77 -27.41
C SER B 51 9.42 0.82 -27.35
N SER B 52 10.70 1.12 -27.06
CA SER B 52 11.36 0.46 -25.94
C SER B 52 12.39 1.39 -25.32
N ALA B 53 12.68 1.14 -24.05
CA ALA B 53 13.75 1.81 -23.32
C ALA B 53 14.65 0.76 -22.70
N GLN B 54 15.97 0.93 -22.87
CA GLN B 54 16.96 0.03 -22.30
C GLN B 54 17.82 0.80 -21.31
N PHE B 55 17.59 0.56 -20.03
CA PHE B 55 18.47 1.04 -18.97
C PHE B 55 19.56 0.00 -18.78
N ASN B 56 20.82 0.45 -18.75
CA ASN B 56 21.92 -0.49 -18.51
C ASN B 56 23.21 0.27 -18.21
N TYR B 57 24.26 -0.50 -17.97
CA TYR B 57 25.59 0.00 -17.69
C TYR B 57 26.47 -0.08 -18.93
N CYS B 58 26.54 -1.26 -19.56
N CYS B 58 26.54 -1.25 -19.58
CA CYS B 58 27.34 -1.49 -20.76
CA CYS B 58 27.37 -1.46 -20.76
C CYS B 58 26.43 -1.84 -21.92
C CYS B 58 26.51 -1.92 -21.93
N PHE B 59 26.77 -1.34 -23.10
CA PHE B 59 25.98 -1.58 -24.30
C PHE B 59 26.87 -2.00 -25.47
N ASP B 60 26.42 -3.00 -26.23
CA ASP B 60 26.91 -3.28 -27.58
C ASP B 60 25.74 -3.07 -28.52
N VAL B 61 25.70 -1.90 -29.19
CA VAL B 61 24.48 -1.49 -29.88
C VAL B 61 24.23 -2.36 -31.11
N ASP B 62 25.28 -2.69 -31.86
N ASP B 62 25.28 -2.68 -31.86
CA ASP B 62 25.10 -3.57 -33.01
CA ASP B 62 25.14 -3.57 -33.00
C ASP B 62 24.54 -4.92 -32.60
C ASP B 62 24.54 -4.91 -32.58
N TRP B 63 25.08 -5.49 -31.51
CA TRP B 63 24.52 -6.73 -30.98
C TRP B 63 23.09 -6.54 -30.50
N LEU B 64 22.82 -5.43 -29.81
CA LEU B 64 21.49 -5.19 -29.25
C LEU B 64 20.42 -5.16 -30.35
N VAL B 65 20.68 -4.43 -31.43
CA VAL B 65 19.68 -4.32 -32.49
C VAL B 65 19.37 -5.68 -33.09
N LYS B 66 20.40 -6.53 -33.27
CA LYS B 66 20.15 -7.87 -33.80
C LYS B 66 19.30 -8.72 -32.88
N GLN B 67 19.23 -8.38 -31.58
CA GLN B 67 18.38 -9.15 -30.67
C GLN B 67 16.91 -8.83 -30.86
N TYR B 68 16.59 -7.63 -31.34
CA TYR B 68 15.21 -7.33 -31.68
C TYR B 68 14.80 -8.12 -32.92
N PRO B 69 13.55 -8.56 -32.99
CA PRO B 69 13.08 -9.24 -34.19
C PRO B 69 13.16 -8.31 -35.40
N PRO B 70 13.29 -8.87 -36.61
CA PRO B 70 13.48 -8.02 -37.78
C PRO B 70 12.43 -6.92 -37.94
N GLU B 71 11.15 -7.28 -37.82
CA GLU B 71 10.07 -6.31 -37.99
C GLU B 71 10.04 -5.24 -36.91
N PHE B 72 10.77 -5.41 -35.81
CA PHE B 72 10.80 -4.43 -34.73
C PHE B 72 12.09 -3.62 -34.68
N ARG B 73 13.01 -3.82 -35.62
CA ARG B 73 14.34 -3.24 -35.49
C ARG B 73 14.39 -1.76 -35.83
N LYS B 74 13.36 -1.21 -36.47
CA LYS B 74 13.30 0.22 -36.73
C LYS B 74 12.50 1.00 -35.68
N LYS B 75 11.80 0.30 -34.79
CA LYS B 75 11.04 1.00 -33.75
C LYS B 75 11.98 1.82 -32.86
N PRO B 76 11.48 2.90 -32.27
CA PRO B 76 12.36 3.76 -31.47
C PRO B 76 12.89 3.03 -30.24
N ILE B 77 14.14 3.32 -29.90
CA ILE B 77 14.84 2.71 -28.77
C ILE B 77 15.57 3.81 -28.01
N LEU B 78 15.32 3.90 -26.71
CA LEU B 78 15.99 4.85 -25.84
C LEU B 78 17.01 4.09 -24.99
N LEU B 79 18.27 4.53 -25.05
CA LEU B 79 19.34 3.94 -24.25
C LEU B 79 19.62 4.84 -23.07
N VAL B 80 19.45 4.34 -21.86
CA VAL B 80 19.71 5.10 -20.64
C VAL B 80 21.01 4.59 -20.02
N HIS B 81 21.99 5.48 -19.89
CA HIS B 81 23.35 5.13 -19.51
C HIS B 81 23.92 6.20 -18.57
N GLY B 82 25.10 5.92 -18.03
CA GLY B 82 25.76 6.87 -17.13
C GLY B 82 27.11 7.37 -17.61
N ASP B 83 27.42 7.17 -18.89
CA ASP B 83 28.78 7.42 -19.37
C ASP B 83 29.08 8.91 -19.50
N LYS B 84 30.35 9.27 -19.26
CA LYS B 84 30.81 10.65 -19.35
C LYS B 84 32.04 10.75 -20.25
N ARG B 85 32.19 11.93 -20.88
CA ARG B 85 33.42 12.30 -21.60
C ARG B 85 33.63 11.38 -22.79
N GLU B 86 34.77 10.67 -22.88
CA GLU B 86 35.05 9.89 -24.07
C GLU B 86 34.16 8.66 -24.15
N ALA B 87 33.89 8.00 -23.01
CA ALA B 87 32.96 6.89 -23.00
C ALA B 87 31.59 7.30 -23.55
N LYS B 88 31.10 8.47 -23.14
CA LYS B 88 29.87 9.00 -23.71
C LYS B 88 29.98 9.14 -25.23
N ALA B 89 31.10 9.67 -25.71
CA ALA B 89 31.30 9.83 -27.15
C ALA B 89 31.27 8.49 -27.87
N HIS B 90 31.97 7.49 -27.31
CA HIS B 90 31.99 6.17 -27.93
C HIS B 90 30.60 5.58 -28.05
N LEU B 91 29.76 5.77 -27.03
CA LEU B 91 28.40 5.22 -27.10
C LEU B 91 27.58 5.90 -28.19
N HIS B 92 27.66 7.24 -28.28
CA HIS B 92 26.99 7.93 -29.38
C HIS B 92 27.48 7.43 -30.73
N ALA B 93 28.79 7.21 -30.85
CA ALA B 93 29.36 6.65 -32.07
C ALA B 93 28.70 5.32 -32.43
N GLN B 94 28.52 4.44 -31.42
CA GLN B 94 27.84 3.17 -31.67
C GLN B 94 26.43 3.37 -32.20
N ALA B 95 25.70 4.34 -31.64
CA ALA B 95 24.30 4.50 -32.00
C ALA B 95 24.10 5.26 -33.31
N LYS B 96 25.11 6.01 -33.76
CA LYS B 96 24.95 6.85 -34.95
C LYS B 96 24.37 6.12 -36.17
N PRO B 97 24.78 4.90 -36.51
CA PRO B 97 24.17 4.24 -37.68
C PRO B 97 22.67 3.99 -37.59
N TYR B 98 22.08 4.01 -36.39
CA TYR B 98 20.68 3.68 -36.20
C TYR B 98 19.90 4.94 -35.83
N GLU B 99 19.12 5.43 -36.78
CA GLU B 99 18.42 6.71 -36.62
C GLU B 99 17.30 6.64 -35.58
N ASN B 100 16.86 5.44 -35.21
CA ASN B 100 15.78 5.27 -34.25
C ASN B 100 16.25 5.19 -32.81
N ILE B 101 17.54 5.35 -32.54
CA ILE B 101 18.09 5.14 -31.21
C ILE B 101 18.44 6.50 -30.61
N SER B 102 17.80 6.81 -29.49
CA SER B 102 18.08 8.01 -28.71
C SER B 102 18.83 7.61 -27.45
N LEU B 103 19.54 8.58 -26.88
CA LEU B 103 20.35 8.34 -25.69
C LEU B 103 19.94 9.30 -24.58
N CYS B 104 19.99 8.80 -23.35
CA CYS B 104 19.70 9.58 -22.15
C CYS B 104 20.85 9.36 -21.17
N GLN B 105 21.60 10.41 -20.89
CA GLN B 105 22.73 10.34 -19.97
C GLN B 105 22.23 10.60 -18.56
N ALA B 106 22.18 9.55 -17.74
CA ALA B 106 21.77 9.68 -16.36
C ALA B 106 22.79 10.51 -15.59
N LYS B 107 22.32 11.49 -14.82
CA LYS B 107 23.23 12.38 -14.13
C LYS B 107 23.89 11.67 -12.95
N LEU B 108 25.19 11.90 -12.79
CA LEU B 108 25.98 11.29 -11.74
C LEU B 108 26.80 12.41 -11.10
N ASP B 109 26.13 13.18 -10.23
CA ASP B 109 26.79 14.34 -9.63
C ASP B 109 27.72 13.96 -8.49
N ILE B 110 27.43 12.87 -7.80
CA ILE B 110 28.31 12.39 -6.75
C ILE B 110 29.44 11.60 -7.38
N ALA B 111 30.65 11.74 -6.84
CA ALA B 111 31.82 11.09 -7.41
C ALA B 111 31.73 9.58 -7.24
N PHE B 112 32.36 8.86 -8.18
CA PHE B 112 32.48 7.40 -8.12
C PHE B 112 31.13 6.70 -8.18
N GLY B 113 30.18 7.33 -8.85
CA GLY B 113 28.87 6.75 -9.05
C GLY B 113 28.73 6.17 -10.45
N THR B 114 27.83 5.21 -10.56
CA THR B 114 27.61 4.49 -11.81
C THR B 114 26.12 4.30 -12.03
N HIS B 115 25.74 4.14 -13.29
CA HIS B 115 24.37 3.77 -13.63
C HIS B 115 24.35 2.26 -13.84
N HIS B 116 24.01 1.52 -12.78
CA HIS B 116 24.03 0.06 -12.80
C HIS B 116 22.68 -0.56 -13.12
N THR B 117 21.59 0.21 -13.05
CA THR B 117 20.25 -0.29 -13.26
C THR B 117 20.09 -0.99 -14.60
N LYS B 118 19.56 -2.23 -14.55
CA LYS B 118 19.25 -3.01 -15.74
C LYS B 118 17.75 -3.19 -15.83
N MET B 119 17.13 -2.51 -16.78
CA MET B 119 15.69 -2.51 -16.93
C MET B 119 15.33 -2.29 -18.39
N MET B 120 14.29 -2.98 -18.83
CA MET B 120 13.65 -2.74 -20.11
C MET B 120 12.23 -2.25 -19.87
N LEU B 121 11.84 -1.15 -20.54
CA LEU B 121 10.45 -0.76 -20.67
C LEU B 121 10.02 -1.07 -22.10
N LEU B 122 8.96 -1.85 -22.26
CA LEU B 122 8.56 -2.34 -23.57
C LEU B 122 7.12 -1.92 -23.82
N LEU B 123 6.92 -0.96 -24.71
CA LEU B 123 5.59 -0.51 -25.05
C LEU B 123 5.08 -1.31 -26.26
N TYR B 124 3.90 -1.91 -26.12
CA TYR B 124 3.26 -2.66 -27.18
C TYR B 124 1.97 -1.99 -27.61
N GLU B 125 1.44 -2.48 -28.74
CA GLU B 125 0.08 -2.12 -29.13
C GLU B 125 -0.94 -2.69 -28.15
N GLU B 126 -0.58 -3.78 -27.47
CA GLU B 126 -1.48 -4.47 -26.54
C GLU B 126 -1.32 -4.02 -25.10
N GLY B 127 -0.27 -3.27 -24.77
CA GLY B 127 -0.04 -2.92 -23.38
C GLY B 127 1.41 -2.55 -23.15
N LEU B 128 1.85 -2.75 -21.90
CA LEU B 128 3.18 -2.33 -21.46
C LEU B 128 3.79 -3.46 -20.64
N ARG B 129 5.10 -3.64 -20.77
CA ARG B 129 5.83 -4.62 -19.96
C ARG B 129 7.09 -3.99 -19.41
N VAL B 130 7.43 -4.38 -18.17
CA VAL B 130 8.63 -3.93 -17.49
C VAL B 130 9.47 -5.17 -17.23
N VAL B 131 10.76 -5.10 -17.56
CA VAL B 131 11.71 -6.18 -17.32
C VAL B 131 12.82 -5.65 -16.44
N ILE B 132 13.03 -6.28 -15.28
CA ILE B 132 14.11 -5.87 -14.39
C ILE B 132 15.04 -7.05 -14.26
N HIS B 133 16.31 -6.84 -14.59
CA HIS B 133 17.20 -7.99 -14.80
C HIS B 133 18.61 -7.61 -14.36
N THR B 134 19.57 -8.48 -14.66
CA THR B 134 20.91 -8.28 -14.14
C THR B 134 21.99 -8.24 -15.21
N SER B 135 21.65 -8.38 -16.50
CA SER B 135 22.64 -8.55 -17.56
C SER B 135 22.96 -7.24 -18.28
N ASN B 136 24.24 -7.05 -18.57
CA ASN B 136 24.62 -6.00 -19.51
C ASN B 136 24.17 -6.36 -20.92
N LEU B 137 24.04 -5.35 -21.78
CA LEU B 137 23.58 -5.61 -23.14
C LEU B 137 24.79 -5.84 -24.05
N ILE B 138 25.49 -6.94 -23.74
CA ILE B 138 26.62 -7.42 -24.53
C ILE B 138 26.52 -8.93 -24.63
N HIS B 139 27.11 -9.50 -25.68
CA HIS B 139 26.93 -10.93 -25.93
C HIS B 139 27.36 -11.77 -24.75
N ALA B 140 28.49 -11.43 -24.12
CA ALA B 140 29.06 -12.28 -23.08
C ALA B 140 28.16 -12.38 -21.86
N ASP B 141 27.33 -11.38 -21.61
CA ASP B 141 26.52 -11.45 -20.40
C ASP B 141 25.31 -12.36 -20.55
N TRP B 142 24.96 -12.73 -21.78
CA TRP B 142 23.85 -13.63 -22.02
C TRP B 142 24.32 -15.00 -22.49
N HIS B 143 25.61 -15.28 -22.39
CA HIS B 143 26.17 -16.48 -23.01
C HIS B 143 26.36 -17.62 -22.01
N GLN B 144 27.30 -17.47 -21.07
CA GLN B 144 27.57 -18.56 -20.12
C GLN B 144 27.60 -18.06 -18.68
N LYS B 145 26.78 -17.07 -18.34
CA LYS B 145 26.70 -16.57 -16.97
C LYS B 145 25.35 -16.93 -16.36
N THR B 146 25.33 -16.96 -15.02
CA THR B 146 24.08 -17.02 -14.28
C THR B 146 23.57 -15.58 -14.09
N GLN B 147 22.46 -15.27 -14.73
CA GLN B 147 21.82 -13.96 -14.66
C GLN B 147 20.37 -14.17 -14.28
N GLY B 148 19.75 -13.13 -13.71
CA GLY B 148 18.38 -13.21 -13.25
C GLY B 148 17.52 -12.18 -13.97
N ILE B 149 16.24 -12.53 -14.15
CA ILE B 149 15.25 -11.73 -14.87
C ILE B 149 13.93 -11.77 -14.13
N TRP B 150 13.31 -10.61 -13.91
CA TRP B 150 11.91 -10.54 -13.53
C TRP B 150 11.09 -10.00 -14.68
N LEU B 151 10.03 -10.71 -15.04
CA LEU B 151 9.12 -10.29 -16.11
C LEU B 151 7.80 -9.83 -15.50
N SER B 152 7.43 -8.58 -15.78
CA SER B 152 6.13 -8.09 -15.35
C SER B 152 5.03 -8.75 -16.16
N PRO B 153 3.78 -8.72 -15.68
CA PRO B 153 2.65 -9.08 -16.54
C PRO B 153 2.55 -8.10 -17.70
N LEU B 154 1.73 -8.46 -18.68
CA LEU B 154 1.32 -7.51 -19.71
C LEU B 154 0.33 -6.52 -19.07
N TYR B 155 0.75 -5.27 -18.95
CA TYR B 155 -0.06 -4.24 -18.34
C TYR B 155 -0.97 -3.60 -19.37
N PRO B 156 -2.29 -3.70 -19.25
CA PRO B 156 -3.17 -3.08 -20.24
C PRO B 156 -3.23 -1.56 -20.07
N ARG B 157 -3.65 -0.90 -21.15
CA ARG B 157 -3.89 0.53 -21.07
C ARG B 157 -5.19 0.80 -20.34
N ILE B 158 -5.22 1.89 -19.57
CA ILE B 158 -6.46 2.28 -18.90
C ILE B 158 -7.40 2.90 -19.93
N ALA B 159 -8.66 2.48 -19.90
CA ALA B 159 -9.66 3.01 -20.82
C ALA B 159 -9.69 4.52 -20.77
N ASP B 160 -9.51 5.16 -21.93
CA ASP B 160 -9.52 6.62 -21.99
C ASP B 160 -10.88 7.15 -21.54
N GLY B 161 -10.85 8.21 -20.74
CA GLY B 161 -12.03 8.68 -20.07
C GLY B 161 -12.30 8.06 -18.71
N THR B 162 -11.69 6.91 -18.43
CA THR B 162 -11.79 6.29 -17.11
C THR B 162 -10.67 6.81 -16.21
N HIS B 163 -11.03 7.22 -15.01
CA HIS B 163 -10.07 7.58 -13.98
C HIS B 163 -9.95 6.42 -13.00
N LYS B 164 -8.84 5.70 -13.07
CA LYS B 164 -8.48 4.72 -12.06
C LYS B 164 -6.99 4.86 -11.80
N SER B 165 -6.55 4.35 -10.64
CA SER B 165 -5.15 4.54 -10.30
C SER B 165 -4.24 3.62 -11.12
N GLY B 166 -4.74 2.42 -11.44
CA GLY B 166 -3.87 1.39 -11.98
C GLY B 166 -2.79 0.95 -11.03
N GLU B 167 -2.98 1.16 -9.73
CA GLU B 167 -1.94 0.88 -8.75
C GLU B 167 -2.10 -0.54 -8.17
N SER B 168 -0.97 -1.15 -7.79
N SER B 168 -0.97 -1.14 -7.78
CA SER B 168 -0.93 -2.47 -7.18
CA SER B 168 -0.93 -2.47 -7.18
C SER B 168 -0.87 -2.36 -5.66
C SER B 168 -0.84 -2.37 -5.65
N PRO B 169 -1.17 -3.44 -4.93
CA PRO B 169 -1.03 -3.40 -3.47
C PRO B 169 0.40 -3.20 -3.00
N THR B 170 1.39 -3.45 -3.88
CA THR B 170 2.79 -3.22 -3.54
C THR B 170 3.27 -1.82 -3.91
N HIS B 171 2.38 -0.96 -4.43
CA HIS B 171 2.70 0.42 -4.78
C HIS B 171 3.73 0.50 -5.90
N PHE B 172 3.79 -0.54 -6.74
CA PHE B 172 4.82 -0.63 -7.77
C PHE B 172 4.73 0.51 -8.78
N LYS B 173 3.51 0.88 -9.18
CA LYS B 173 3.38 1.91 -10.21
C LYS B 173 3.92 3.25 -9.73
N ALA B 174 3.48 3.69 -8.55
CA ALA B 174 4.02 4.92 -7.97
C ALA B 174 5.53 4.83 -7.72
N ASP B 175 6.02 3.68 -7.25
CA ASP B 175 7.45 3.59 -6.94
C ASP B 175 8.31 3.57 -8.20
N LEU B 176 7.81 3.00 -9.30
CA LEU B 176 8.53 3.04 -10.57
C LEU B 176 8.56 4.46 -11.13
N ILE B 177 7.42 5.15 -11.08
CA ILE B 177 7.38 6.54 -11.54
C ILE B 177 8.34 7.38 -10.71
N SER B 178 8.38 7.16 -9.40
N SER B 178 8.35 7.19 -9.39
CA SER B 178 9.27 7.92 -8.53
CA SER B 178 9.27 7.91 -8.52
C SER B 178 10.74 7.62 -8.83
C SER B 178 10.72 7.63 -8.89
N TYR B 179 11.05 6.37 -9.15
CA TYR B 179 12.41 6.04 -9.53
C TYR B 179 12.82 6.79 -10.80
N LEU B 180 11.96 6.79 -11.82
CA LEU B 180 12.24 7.49 -13.06
C LEU B 180 12.27 9.00 -12.87
N MET B 181 11.43 9.53 -11.98
N MET B 181 11.43 9.53 -11.98
CA MET B 181 11.44 10.98 -11.76
CA MET B 181 11.42 10.98 -11.74
C MET B 181 12.77 11.46 -11.23
C MET B 181 12.77 11.46 -11.22
N ALA B 182 13.47 10.63 -10.46
CA ALA B 182 14.76 10.99 -9.89
C ALA B 182 15.80 11.31 -10.95
N TYR B 183 15.62 10.84 -12.19
CA TYR B 183 16.57 11.13 -13.26
C TYR B 183 16.46 12.58 -13.70
N ASN B 184 15.27 13.18 -13.56
CA ASN B 184 15.03 14.55 -14.00
C ASN B 184 15.38 14.72 -15.47
N ALA B 185 14.96 13.76 -16.30
CA ALA B 185 15.40 13.71 -17.69
C ALA B 185 14.19 13.79 -18.61
N PRO B 186 14.24 14.63 -19.65
CA PRO B 186 13.05 14.79 -20.50
C PRO B 186 12.64 13.54 -21.26
N SER B 187 13.59 12.70 -21.69
CA SER B 187 13.19 11.51 -22.42
C SER B 187 12.49 10.50 -21.51
N LEU B 188 12.74 10.58 -20.22
CA LEU B 188 12.07 9.67 -19.28
C LEU B 188 10.74 10.23 -18.80
N LYS B 189 10.55 11.55 -18.80
CA LYS B 189 9.21 12.06 -18.52
C LYS B 189 8.21 11.52 -19.54
N GLU B 190 8.64 11.28 -20.77
CA GLU B 190 7.73 10.66 -21.73
C GLU B 190 7.38 9.22 -21.35
N TRP B 191 8.34 8.49 -20.78
CA TRP B 191 8.04 7.13 -20.33
C TRP B 191 7.21 7.14 -19.04
N ILE B 192 7.41 8.13 -18.17
CA ILE B 192 6.53 8.30 -17.01
C ILE B 192 5.09 8.50 -17.46
N ASP B 193 4.88 9.34 -18.47
CA ASP B 193 3.53 9.52 -18.98
C ASP B 193 2.95 8.22 -19.52
N VAL B 194 3.76 7.38 -20.17
CA VAL B 194 3.28 6.08 -20.63
C VAL B 194 2.83 5.21 -19.47
N ILE B 195 3.64 5.16 -18.41
CA ILE B 195 3.29 4.32 -17.26
C ILE B 195 1.99 4.80 -16.62
N HIS B 196 1.82 6.11 -16.48
CA HIS B 196 0.58 6.66 -15.95
C HIS B 196 -0.64 6.09 -16.69
N LYS B 197 -0.53 5.88 -18.00
CA LYS B 197 -1.68 5.44 -18.79
C LYS B 197 -1.95 3.95 -18.72
N HIS B 198 -1.13 3.17 -18.03
CA HIS B 198 -1.33 1.74 -17.97
C HIS B 198 -1.72 1.28 -16.56
N ASP B 199 -2.38 0.12 -16.54
CA ASP B 199 -2.88 -0.51 -15.30
C ASP B 199 -1.85 -1.53 -14.82
N LEU B 200 -1.12 -1.18 -13.75
CA LEU B 200 -0.08 -2.02 -13.19
C LEU B 200 -0.54 -2.77 -11.95
N SER B 201 -1.84 -2.88 -11.75
CA SER B 201 -2.41 -3.35 -10.49
C SER B 201 -2.15 -4.82 -10.21
N GLU B 202 -1.78 -5.62 -11.23
CA GLU B 202 -1.50 -7.03 -10.98
C GLU B 202 -0.09 -7.28 -10.45
N THR B 203 0.73 -6.25 -10.28
CA THR B 203 2.12 -6.45 -9.85
C THR B 203 2.18 -6.91 -8.40
N ASN B 204 2.93 -7.99 -8.15
N ASN B 204 2.93 -7.99 -8.13
CA ASN B 204 3.02 -8.59 -6.82
CA ASN B 204 3.01 -8.51 -6.77
C ASN B 204 4.42 -8.45 -6.20
C ASN B 204 4.42 -8.45 -6.20
N VAL B 205 5.30 -7.67 -6.80
CA VAL B 205 6.63 -7.44 -6.24
C VAL B 205 6.75 -5.99 -5.81
N TYR B 206 7.67 -5.74 -4.89
CA TYR B 206 8.02 -4.39 -4.47
C TYR B 206 9.29 -3.94 -5.18
N LEU B 207 9.30 -2.69 -5.61
CA LEU B 207 10.47 -2.12 -6.26
C LEU B 207 11.44 -1.61 -5.21
N ILE B 208 12.72 -1.95 -5.36
CA ILE B 208 13.75 -1.43 -4.48
C ILE B 208 14.79 -0.76 -5.37
N GLY B 209 14.78 0.57 -5.39
CA GLY B 209 15.76 1.28 -6.20
C GLY B 209 16.79 2.02 -5.37
N SER B 210 17.92 2.32 -6.01
CA SER B 210 18.88 3.29 -5.51
C SER B 210 18.99 4.39 -6.56
N THR B 211 19.17 5.62 -6.09
N THR B 211 19.14 5.62 -6.09
CA THR B 211 19.42 6.77 -6.94
CA THR B 211 19.43 6.77 -6.95
C THR B 211 20.44 7.64 -6.23
C THR B 211 20.47 7.61 -6.24
N PRO B 212 21.32 8.32 -6.98
CA PRO B 212 22.38 9.09 -6.32
C PRO B 212 21.83 10.27 -5.56
N GLY B 213 22.41 10.51 -4.38
CA GLY B 213 22.09 11.72 -3.66
C GLY B 213 22.35 11.57 -2.18
N ARG B 214 21.90 12.58 -1.43
N ARG B 214 21.98 12.61 -1.44
CA ARG B 214 22.06 12.64 0.01
CA ARG B 214 22.04 12.63 0.01
C ARG B 214 20.68 12.87 0.62
C ARG B 214 20.63 12.82 0.52
N PHE B 215 20.11 11.82 1.23
CA PHE B 215 18.71 11.78 1.61
C PHE B 215 18.55 11.86 3.12
N GLN B 216 17.65 12.74 3.58
CA GLN B 216 17.40 12.93 4.99
C GLN B 216 15.90 13.02 5.23
N GLY B 217 15.51 12.84 6.49
CA GLY B 217 14.11 13.00 6.87
C GLY B 217 13.23 11.96 6.21
N SER B 218 12.14 12.43 5.61
CA SER B 218 11.21 11.51 4.95
C SER B 218 11.88 10.77 3.80
N GLN B 219 12.65 11.49 2.99
CA GLN B 219 13.26 10.90 1.79
C GLN B 219 14.25 9.80 2.11
N LYS B 220 14.69 9.68 3.37
CA LYS B 220 15.71 8.70 3.72
C LYS B 220 15.23 7.26 3.52
N ASP B 221 13.92 7.02 3.56
CA ASP B 221 13.34 5.69 3.42
C ASP B 221 13.11 5.30 1.97
N ASN B 222 13.44 6.18 1.01
CA ASN B 222 13.02 5.97 -0.37
C ASN B 222 13.90 4.96 -1.11
N TRP B 223 15.17 4.84 -0.71
CA TRP B 223 16.17 4.19 -1.56
C TRP B 223 17.11 3.29 -0.75
N GLY B 224 17.81 2.40 -1.45
CA GLY B 224 18.90 1.69 -0.82
C GLY B 224 18.46 0.78 0.32
N HIS B 225 19.36 0.57 1.27
CA HIS B 225 19.04 -0.40 2.30
C HIS B 225 18.02 0.11 3.30
N PHE B 226 17.78 1.43 3.34
CA PHE B 226 16.67 1.93 4.15
C PHE B 226 15.31 1.67 3.50
N ARG B 227 15.26 1.63 2.17
CA ARG B 227 14.04 1.22 1.48
C ARG B 227 13.72 -0.23 1.79
N LEU B 228 14.73 -1.11 1.73
CA LEU B 228 14.53 -2.49 2.14
C LEU B 228 14.01 -2.58 3.57
N LYS B 229 14.67 -1.86 4.49
CA LYS B 229 14.28 -1.91 5.89
C LYS B 229 12.82 -1.49 6.08
N LYS B 230 12.41 -0.43 5.41
CA LYS B 230 11.03 0.05 5.52
C LYS B 230 10.05 -1.02 5.03
N LEU B 231 10.34 -1.64 3.89
CA LEU B 231 9.45 -2.67 3.34
C LEU B 231 9.38 -3.88 4.25
N LEU B 232 10.52 -4.28 4.83
CA LEU B 232 10.51 -5.45 5.71
C LEU B 232 9.74 -5.16 7.00
N LYS B 233 9.88 -3.94 7.52
CA LYS B 233 9.14 -3.56 8.72
C LYS B 233 7.65 -3.52 8.46
N ASP B 234 7.22 -2.97 7.33
CA ASP B 234 5.81 -2.75 7.04
C ASP B 234 5.09 -3.97 6.46
N HIS B 235 5.82 -4.90 5.83
CA HIS B 235 5.16 -5.94 5.06
C HIS B 235 5.66 -7.35 5.34
N ALA B 236 6.55 -7.52 6.30
CA ALA B 236 6.95 -8.85 6.76
C ALA B 236 6.64 -8.96 8.25
N SER B 237 6.54 -10.18 8.73
CA SER B 237 6.27 -10.44 10.14
C SER B 237 7.46 -11.15 10.76
N SER B 238 7.74 -10.83 12.02
CA SER B 238 8.77 -11.55 12.74
C SER B 238 8.19 -12.85 13.29
N MET B 239 8.96 -13.92 13.19
CA MET B 239 8.60 -15.22 13.72
C MET B 239 9.39 -15.50 14.99
N PRO B 240 9.01 -16.53 15.75
CA PRO B 240 9.85 -16.93 16.89
C PRO B 240 11.23 -17.38 16.42
N ASN B 241 12.23 -17.15 17.27
CA ASN B 241 13.65 -17.36 16.98
C ASN B 241 14.04 -16.88 15.58
N ALA B 242 13.60 -15.66 15.26
CA ALA B 242 14.05 -15.02 14.03
C ALA B 242 15.56 -14.84 14.01
N GLU B 243 16.19 -14.73 15.19
CA GLU B 243 17.64 -14.62 15.29
C GLU B 243 18.36 -15.83 14.69
N SER B 244 17.67 -16.94 14.51
CA SER B 244 18.23 -18.14 13.91
C SER B 244 18.10 -18.17 12.39
N TRP B 245 17.29 -17.28 11.81
CA TRP B 245 17.12 -17.25 10.37
C TRP B 245 18.28 -16.49 9.75
N PRO B 246 19.13 -17.14 8.97
CA PRO B 246 20.29 -16.45 8.41
C PRO B 246 19.88 -15.40 7.40
N VAL B 247 20.86 -14.53 7.08
CA VAL B 247 20.79 -13.63 5.95
C VAL B 247 21.81 -14.13 4.94
N VAL B 248 21.41 -14.20 3.67
CA VAL B 248 22.30 -14.60 2.59
C VAL B 248 22.43 -13.44 1.63
N GLY B 249 23.66 -13.09 1.27
CA GLY B 249 23.92 -12.11 0.22
C GLY B 249 24.81 -12.75 -0.82
N GLN B 250 24.50 -12.53 -2.10
CA GLN B 250 25.16 -13.21 -3.21
C GLN B 250 25.41 -12.18 -4.29
N PHE B 251 26.67 -11.98 -4.70
CA PHE B 251 26.98 -10.81 -5.49
C PHE B 251 28.16 -11.11 -6.41
N SER B 252 28.45 -10.17 -7.31
CA SER B 252 29.54 -10.34 -8.26
C SER B 252 30.69 -9.35 -8.04
N SER B 253 30.59 -8.46 -7.06
CA SER B 253 31.68 -7.54 -6.75
C SER B 253 31.47 -7.02 -5.34
N VAL B 254 32.56 -6.53 -4.75
CA VAL B 254 32.56 -6.03 -3.38
C VAL B 254 33.25 -4.68 -3.35
N GLY B 255 32.60 -3.69 -2.75
CA GLY B 255 33.22 -2.40 -2.55
C GLY B 255 34.08 -2.37 -1.30
N SER B 256 34.64 -1.19 -1.04
CA SER B 256 35.42 -0.97 0.18
C SER B 256 34.45 -0.81 1.34
N LEU B 257 34.42 -1.80 2.24
CA LEU B 257 33.46 -1.85 3.34
C LEU B 257 34.02 -1.33 4.66
N GLY B 258 35.32 -1.10 4.75
CA GLY B 258 35.93 -0.55 5.95
C GLY B 258 36.91 -1.51 6.60
N ALA B 259 37.51 -1.01 7.69
CA ALA B 259 38.59 -1.73 8.36
C ALA B 259 38.08 -2.89 9.20
N ASP B 260 36.79 -2.93 9.51
CA ASP B 260 36.20 -4.08 10.20
C ASP B 260 34.69 -4.06 9.97
N GLU B 261 34.04 -5.14 10.43
CA GLU B 261 32.63 -5.35 10.11
C GLU B 261 31.70 -4.35 10.79
N SER B 262 32.13 -3.74 11.91
CA SER B 262 31.27 -2.81 12.63
C SER B 262 31.12 -1.47 11.92
N LYS B 263 31.89 -1.21 10.88
CA LYS B 263 31.87 0.10 10.25
C LYS B 263 30.70 0.28 9.28
N TRP B 264 30.14 -0.81 8.76
CA TRP B 264 29.02 -0.70 7.84
C TRP B 264 28.31 -2.03 7.64
N LEU B 265 29.08 -3.11 7.49
CA LEU B 265 28.50 -4.39 7.11
C LEU B 265 27.57 -4.93 8.19
N CYS B 266 28.10 -5.14 9.40
CA CYS B 266 27.34 -5.74 10.48
C CYS B 266 26.74 -4.70 11.39
N SER B 267 26.89 -3.41 11.08
CA SER B 267 26.12 -2.39 11.75
C SER B 267 24.89 -2.08 10.89
N GLU B 268 24.98 -1.09 10.00
CA GLU B 268 23.78 -0.57 9.37
C GLU B 268 23.25 -1.48 8.26
N PHE B 269 24.13 -2.11 7.48
CA PHE B 269 23.63 -2.94 6.38
C PHE B 269 22.92 -4.18 6.91
N LYS B 270 23.57 -4.95 7.78
CA LYS B 270 22.97 -6.13 8.35
C LYS B 270 21.73 -5.78 9.17
N GLU B 271 21.74 -4.62 9.84
CA GLU B 271 20.57 -4.13 10.57
C GLU B 271 19.34 -4.07 9.67
N SER B 272 19.48 -3.46 8.50
CA SER B 272 18.35 -3.37 7.58
C SER B 272 17.94 -4.75 7.11
N MET B 273 18.92 -5.59 6.72
CA MET B 273 18.61 -6.91 6.21
C MET B 273 17.93 -7.81 7.23
N LEU B 274 18.20 -7.58 8.52
N LEU B 274 18.19 -7.61 8.53
CA LEU B 274 17.66 -8.40 9.60
CA LEU B 274 17.59 -8.49 9.54
C LEU B 274 16.24 -8.00 9.99
C LEU B 274 16.23 -8.02 9.99
N THR B 275 15.76 -6.86 9.50
CA THR B 275 14.47 -6.34 9.93
C THR B 275 13.33 -7.27 9.54
N LEU B 276 12.42 -7.50 10.50
CA LEU B 276 11.16 -8.21 10.23
C LEU B 276 10.11 -7.62 11.16
N GLY B 277 9.02 -7.11 10.58
CA GLY B 277 7.93 -6.61 11.40
C GLY B 277 8.25 -5.29 12.07
N LYS B 278 7.29 -4.81 12.87
CA LYS B 278 7.35 -3.45 13.40
C LYS B 278 7.86 -3.36 14.83
N GLU B 279 7.87 -4.47 15.57
CA GLU B 279 8.36 -4.45 16.95
C GLU B 279 9.88 -4.36 16.97
N SER B 280 10.46 -4.33 18.17
CA SER B 280 11.90 -4.22 18.30
C SER B 280 12.38 -4.62 19.69
N SER B 286 24.23 -8.49 17.05
CA SER B 286 23.28 -9.51 16.63
C SER B 286 23.93 -10.88 16.49
N SER B 287 23.14 -11.93 16.70
CA SER B 287 23.60 -13.31 16.67
C SER B 287 23.29 -14.01 15.34
N VAL B 288 22.88 -13.26 14.32
CA VAL B 288 22.29 -13.87 13.13
C VAL B 288 23.42 -14.28 12.17
N PRO B 289 23.39 -15.50 11.66
CA PRO B 289 24.44 -15.94 10.70
C PRO B 289 24.32 -15.17 9.39
N LEU B 290 25.46 -14.70 8.90
CA LEU B 290 25.56 -13.97 7.63
C LEU B 290 26.36 -14.82 6.65
N TYR B 291 25.73 -15.24 5.55
CA TYR B 291 26.37 -16.03 4.51
C TYR B 291 26.57 -15.13 3.30
N LEU B 292 27.80 -14.97 2.85
CA LEU B 292 28.11 -14.18 1.66
C LEU B 292 28.64 -15.12 0.59
N ILE B 293 27.98 -15.15 -0.56
CA ILE B 293 28.33 -16.07 -1.64
C ILE B 293 29.05 -15.28 -2.73
N TYR B 294 30.30 -15.68 -3.03
CA TYR B 294 31.12 -14.95 -3.99
C TYR B 294 32.12 -15.95 -4.54
N PRO B 295 32.29 -16.02 -5.86
CA PRO B 295 33.14 -17.09 -6.42
C PRO B 295 34.57 -17.04 -5.92
N SER B 296 35.08 -18.22 -5.58
CA SER B 296 36.49 -18.41 -5.30
C SER B 296 37.28 -18.42 -6.61
N VAL B 297 38.61 -18.33 -6.46
CA VAL B 297 39.48 -18.49 -7.63
C VAL B 297 39.23 -19.82 -8.31
N GLU B 298 39.09 -20.89 -7.50
N GLU B 298 39.06 -20.89 -7.53
CA GLU B 298 38.83 -22.21 -8.07
CA GLU B 298 38.86 -22.18 -8.16
C GLU B 298 37.52 -22.24 -8.84
C GLU B 298 37.49 -22.28 -8.83
N ASN B 299 36.47 -21.60 -8.30
CA ASN B 299 35.19 -21.51 -9.00
C ASN B 299 35.36 -20.92 -10.39
N VAL B 300 36.12 -19.82 -10.48
CA VAL B 300 36.34 -19.15 -11.76
C VAL B 300 37.23 -19.99 -12.66
N ARG B 301 38.28 -20.59 -12.10
CA ARG B 301 39.25 -21.34 -12.90
C ARG B 301 38.58 -22.46 -13.67
N THR B 302 37.67 -23.21 -13.02
CA THR B 302 37.01 -24.33 -13.66
C THR B 302 35.64 -23.99 -14.25
N SER B 303 35.32 -22.69 -14.39
CA SER B 303 34.05 -22.30 -14.96
C SER B 303 34.01 -22.59 -16.46
N LEU B 304 32.82 -22.43 -17.04
CA LEU B 304 32.64 -22.60 -18.48
C LEU B 304 33.56 -21.67 -19.27
N GLU B 305 33.73 -20.42 -18.79
CA GLU B 305 34.57 -19.44 -19.45
C GLU B 305 36.04 -19.55 -19.07
N GLY B 306 36.34 -20.21 -17.95
CA GLY B 306 37.67 -20.15 -17.40
C GLY B 306 37.92 -18.80 -16.74
N TYR B 307 39.20 -18.45 -16.63
CA TYR B 307 39.61 -17.19 -15.99
C TYR B 307 38.93 -15.96 -16.57
N PRO B 308 38.62 -15.88 -17.87
CA PRO B 308 37.98 -14.65 -18.39
C PRO B 308 36.60 -14.40 -17.82
N ALA B 309 35.96 -15.40 -17.19
CA ALA B 309 34.74 -15.12 -16.44
C ALA B 309 34.99 -14.07 -15.36
N GLY B 310 36.20 -14.05 -14.82
CA GLY B 310 36.61 -13.11 -13.81
C GLY B 310 36.76 -11.68 -14.30
N GLY B 311 36.66 -11.44 -15.61
CA GLY B 311 36.58 -10.08 -16.09
C GLY B 311 35.28 -9.39 -15.71
N SER B 312 34.26 -10.15 -15.30
CA SER B 312 32.98 -9.61 -14.87
C SER B 312 32.77 -9.77 -13.36
N LEU B 313 33.85 -9.98 -12.62
CA LEU B 313 33.85 -10.07 -11.16
C LEU B 313 34.91 -9.10 -10.65
N PRO B 314 34.65 -7.78 -10.72
CA PRO B 314 35.73 -6.78 -10.56
C PRO B 314 36.07 -6.45 -9.11
N TYR B 315 36.45 -7.46 -8.35
CA TYR B 315 36.99 -7.28 -7.01
C TYR B 315 38.49 -7.04 -7.11
N SER B 316 38.94 -5.85 -6.74
CA SER B 316 40.33 -5.46 -6.93
C SER B 316 41.17 -5.78 -5.71
N ILE B 317 42.48 -5.99 -5.93
CA ILE B 317 43.38 -6.28 -4.83
C ILE B 317 43.53 -5.07 -3.90
N GLN B 318 43.44 -3.85 -4.44
CA GLN B 318 43.54 -2.66 -3.60
C GLN B 318 42.43 -2.64 -2.56
N THR B 319 41.21 -2.99 -2.98
CA THR B 319 40.09 -3.08 -2.05
C THR B 319 40.24 -4.27 -1.11
N ALA B 320 40.52 -5.45 -1.66
CA ALA B 320 40.48 -6.68 -0.89
C ALA B 320 41.50 -6.67 0.25
N GLU B 321 42.67 -6.07 0.04
CA GLU B 321 43.71 -6.13 1.05
C GLU B 321 43.43 -5.21 2.24
N LYS B 322 42.51 -4.25 2.08
CA LYS B 322 42.09 -3.42 3.20
C LYS B 322 41.07 -4.11 4.10
N GLN B 323 40.55 -5.28 3.71
CA GLN B 323 39.40 -5.86 4.40
C GLN B 323 39.47 -7.38 4.36
N ASN B 324 40.59 -7.95 4.80
CA ASN B 324 40.65 -9.41 4.81
C ASN B 324 39.69 -10.01 5.85
N TRP B 325 39.28 -9.24 6.85
CA TRP B 325 38.26 -9.71 7.79
C TRP B 325 37.01 -10.20 7.06
N LEU B 326 36.69 -9.59 5.92
CA LEU B 326 35.45 -9.91 5.22
C LEU B 326 35.43 -11.33 4.69
N HIS B 327 36.60 -11.89 4.37
CA HIS B 327 36.62 -13.13 3.61
C HIS B 327 36.28 -14.36 4.45
N SER B 328 36.33 -14.24 5.78
N SER B 328 36.33 -14.24 5.78
CA SER B 328 35.84 -15.32 6.63
CA SER B 328 35.84 -15.32 6.63
C SER B 328 34.34 -15.54 6.46
C SER B 328 34.34 -15.55 6.45
N TYR B 329 33.63 -14.60 5.85
CA TYR B 329 32.21 -14.71 5.57
C TYR B 329 31.90 -15.35 4.23
N PHE B 330 32.91 -15.63 3.40
CA PHE B 330 32.68 -15.97 2.01
C PHE B 330 32.38 -17.45 1.81
N HIS B 331 31.41 -17.73 0.94
CA HIS B 331 31.00 -19.08 0.60
C HIS B 331 31.10 -19.26 -0.90
N LYS B 332 31.40 -20.48 -1.33
CA LYS B 332 31.58 -20.79 -2.75
C LYS B 332 30.29 -20.66 -3.56
N TRP B 333 30.45 -20.35 -4.84
CA TRP B 333 29.35 -20.47 -5.79
C TRP B 333 29.10 -21.94 -6.08
N SER B 334 27.87 -22.38 -5.85
CA SER B 334 27.44 -23.72 -6.21
C SER B 334 25.98 -23.64 -6.65
N ALA B 335 25.65 -24.26 -7.78
CA ALA B 335 24.31 -24.14 -8.35
C ALA B 335 23.92 -25.44 -9.06
N GLU B 336 24.18 -26.59 -8.43
CA GLU B 336 23.74 -27.85 -8.98
C GLU B 336 22.24 -27.86 -9.23
N THR B 337 21.46 -27.18 -8.37
CA THR B 337 20.02 -27.17 -8.50
C THR B 337 19.58 -26.63 -9.86
N SER B 338 20.37 -25.73 -10.47
CA SER B 338 20.03 -25.19 -11.78
C SER B 338 21.04 -25.55 -12.85
N GLY B 339 21.93 -26.50 -12.57
CA GLY B 339 22.98 -26.90 -13.49
C GLY B 339 23.98 -25.81 -13.80
N ARG B 340 24.15 -24.83 -12.91
CA ARG B 340 24.93 -23.63 -13.23
C ARG B 340 26.16 -23.45 -12.33
N SER B 341 26.69 -24.53 -11.76
CA SER B 341 27.87 -24.37 -10.92
C SER B 341 29.06 -23.80 -11.70
N ASN B 342 29.10 -24.07 -13.01
CA ASN B 342 30.19 -23.56 -13.85
C ASN B 342 29.81 -22.31 -14.63
N ALA B 343 28.61 -21.76 -14.42
CA ALA B 343 28.17 -20.50 -15.03
C ALA B 343 28.32 -19.40 -13.97
N MET B 344 29.39 -18.62 -14.06
CA MET B 344 29.71 -17.71 -12.97
C MET B 344 28.58 -16.68 -12.78
N PRO B 345 28.30 -16.28 -11.54
CA PRO B 345 27.15 -15.40 -11.29
C PRO B 345 27.44 -13.95 -11.68
N HIS B 346 26.52 -13.38 -12.44
CA HIS B 346 26.41 -11.92 -12.53
C HIS B 346 25.09 -11.44 -11.94
N ILE B 347 24.18 -12.36 -11.65
CA ILE B 347 23.02 -12.05 -10.82
C ILE B 347 23.47 -11.61 -9.43
N LYS B 348 22.67 -10.75 -8.77
CA LYS B 348 22.84 -10.46 -7.36
C LYS B 348 21.52 -10.77 -6.67
N THR B 349 21.62 -11.41 -5.52
CA THR B 349 20.42 -11.81 -4.77
C THR B 349 20.70 -11.70 -3.28
N TYR B 350 19.64 -11.45 -2.52
CA TYR B 350 19.70 -11.39 -1.07
C TYR B 350 18.43 -12.05 -0.57
N MET B 351 18.52 -12.77 0.54
CA MET B 351 17.36 -13.53 0.99
C MET B 351 17.51 -13.90 2.45
N ARG B 352 16.42 -14.36 3.04
CA ARG B 352 16.34 -14.65 4.47
C ARG B 352 15.80 -16.07 4.65
N PRO B 353 16.67 -17.07 4.63
CA PRO B 353 16.20 -18.45 4.77
C PRO B 353 15.93 -18.83 6.23
N SER B 354 15.16 -19.91 6.38
CA SER B 354 14.96 -20.51 7.69
C SER B 354 16.26 -21.18 8.15
N PRO B 355 16.37 -21.51 9.44
CA PRO B 355 17.60 -22.16 9.93
C PRO B 355 17.99 -23.43 9.19
N ASP B 356 17.03 -24.18 8.64
CA ASP B 356 17.35 -25.38 7.87
C ASP B 356 17.24 -25.16 6.37
N PHE B 357 17.09 -23.91 5.93
CA PHE B 357 17.11 -23.51 4.52
C PHE B 357 16.00 -24.15 3.70
N SER B 358 14.90 -24.55 4.33
CA SER B 358 13.80 -25.12 3.59
C SER B 358 12.73 -24.10 3.24
N LYS B 359 12.79 -22.93 3.88
CA LYS B 359 11.84 -21.83 3.70
C LYS B 359 12.64 -20.55 3.57
N ILE B 360 12.01 -19.51 3.00
CA ILE B 360 12.60 -18.17 3.01
C ILE B 360 11.53 -17.14 3.35
N ALA B 361 11.94 -16.15 4.14
CA ALA B 361 11.02 -15.08 4.51
C ALA B 361 10.88 -14.01 3.43
N TRP B 362 11.85 -13.93 2.50
CA TRP B 362 11.79 -12.98 1.39
C TRP B 362 13.01 -13.21 0.49
N PHE B 363 12.91 -12.69 -0.72
CA PHE B 363 13.93 -12.88 -1.76
C PHE B 363 14.01 -11.60 -2.58
N LEU B 364 15.24 -11.13 -2.82
CA LEU B 364 15.48 -9.92 -3.60
C LEU B 364 16.43 -10.25 -4.74
N VAL B 365 16.07 -9.88 -5.96
CA VAL B 365 17.02 -9.94 -7.08
C VAL B 365 17.28 -8.50 -7.52
N THR B 366 18.53 -8.16 -7.74
CA THR B 366 18.84 -6.76 -7.95
C THR B 366 20.13 -6.61 -8.75
N SER B 367 20.37 -5.39 -9.23
CA SER B 367 21.68 -5.04 -9.78
C SER B 367 22.70 -4.68 -8.72
N ALA B 368 22.29 -4.53 -7.46
CA ALA B 368 23.16 -3.97 -6.42
C ALA B 368 24.15 -5.01 -5.88
N ASN B 369 25.43 -4.73 -6.03
CA ASN B 369 26.49 -5.50 -5.40
C ASN B 369 26.64 -5.13 -3.93
N LEU B 370 27.61 -5.74 -3.25
CA LEU B 370 27.80 -5.50 -1.82
C LEU B 370 28.73 -4.30 -1.66
N SER B 371 28.16 -3.11 -1.65
CA SER B 371 28.93 -1.88 -1.57
C SER B 371 28.08 -0.76 -0.98
N LYS B 372 28.77 0.18 -0.32
CA LYS B 372 28.10 1.40 0.12
C LYS B 372 27.62 2.24 -1.04
N ALA B 373 28.33 2.23 -2.18
CA ALA B 373 27.90 3.02 -3.32
C ALA B 373 26.51 2.60 -3.78
N ALA B 374 26.21 1.30 -3.73
CA ALA B 374 24.96 0.78 -4.24
C ALA B 374 23.85 0.88 -3.21
N TRP B 375 24.17 0.53 -1.97
CA TRP B 375 23.16 0.39 -0.93
C TRP B 375 23.00 1.65 -0.10
N GLY B 376 23.98 2.55 -0.13
CA GLY B 376 23.93 3.76 0.67
C GLY B 376 24.71 3.63 1.97
N ALA B 377 25.21 4.77 2.45
CA ALA B 377 25.97 4.81 3.69
C ALA B 377 25.55 6.05 4.49
N LEU B 378 25.39 5.86 5.80
CA LEU B 378 24.91 6.93 6.67
C LEU B 378 25.98 7.98 6.92
N GLU B 379 25.57 9.24 6.95
CA GLU B 379 26.46 10.36 7.21
C GLU B 379 25.83 11.29 8.24
N LYS B 380 26.69 12.14 8.83
CA LYS B 380 26.26 13.25 9.69
C LYS B 380 25.55 12.74 10.94
N ASN B 381 26.20 11.80 11.65
CA ASN B 381 25.61 11.17 12.84
C ASN B 381 24.24 10.57 12.55
N GLY B 382 24.11 9.99 11.36
CA GLY B 382 22.96 9.18 11.03
C GLY B 382 21.75 9.91 10.46
N THR B 383 21.87 11.20 10.14
CA THR B 383 20.74 11.94 9.61
C THR B 383 20.60 11.83 8.10
N GLN B 384 21.59 11.29 7.41
CA GLN B 384 21.67 11.40 5.96
C GLN B 384 22.11 10.07 5.36
N LEU B 385 21.40 9.61 4.34
CA LEU B 385 21.80 8.43 3.56
C LEU B 385 22.39 8.90 2.25
N MET B 386 23.66 8.60 2.03
CA MET B 386 24.37 9.00 0.81
C MET B 386 24.49 7.80 -0.11
N ILE B 387 24.01 7.95 -1.34
CA ILE B 387 24.05 6.91 -2.36
C ILE B 387 24.74 7.49 -3.58
N ARG B 388 25.62 6.69 -4.21
CA ARG B 388 26.37 7.16 -5.36
C ARG B 388 25.81 6.69 -6.70
N SER B 389 25.12 5.54 -6.73
CA SER B 389 24.81 4.86 -7.97
C SER B 389 23.32 4.69 -8.16
N TYR B 390 22.92 4.48 -9.42
CA TYR B 390 21.60 3.96 -9.73
C TYR B 390 21.62 2.44 -9.63
N GLU B 391 20.63 1.86 -8.95
CA GLU B 391 20.47 0.41 -8.85
C GLU B 391 18.98 0.09 -8.87
N LEU B 392 18.61 -1.14 -9.24
CA LEU B 392 17.20 -1.48 -9.23
C LEU B 392 17.05 -2.97 -9.00
N GLY B 393 16.05 -3.33 -8.20
CA GLY B 393 15.80 -4.72 -7.86
C GLY B 393 14.34 -4.89 -7.53
N VAL B 394 13.89 -6.15 -7.44
CA VAL B 394 12.52 -6.45 -7.06
C VAL B 394 12.53 -7.41 -5.88
N LEU B 395 11.64 -7.16 -4.94
CA LEU B 395 11.54 -7.88 -3.68
C LEU B 395 10.28 -8.74 -3.67
N PHE B 396 10.45 -10.03 -3.39
CA PHE B 396 9.37 -10.99 -3.27
C PHE B 396 9.10 -11.19 -1.77
N LEU B 397 7.90 -10.79 -1.33
CA LEU B 397 7.49 -10.98 0.06
C LEU B 397 6.31 -11.93 0.12
N PRO B 398 6.34 -12.95 0.98
CA PRO B 398 5.23 -13.91 1.05
C PRO B 398 3.87 -13.25 1.22
N SER B 399 3.78 -12.17 2.00
CA SER B 399 2.49 -11.52 2.20
C SER B 399 1.86 -11.05 0.90
N ALA B 400 2.68 -10.65 -0.08
CA ALA B 400 2.15 -10.20 -1.37
C ALA B 400 1.58 -11.34 -2.19
N PHE B 401 1.82 -12.58 -1.77
CA PHE B 401 1.28 -13.78 -2.42
C PHE B 401 0.30 -14.52 -1.50
N GLY B 402 -0.11 -13.91 -0.40
CA GLY B 402 -1.01 -14.56 0.53
C GLY B 402 -0.38 -15.69 1.33
N LEU B 403 0.94 -15.68 1.47
CA LEU B 403 1.66 -16.73 2.17
C LEU B 403 2.35 -16.17 3.42
N ASP B 404 2.72 -17.08 4.32
CA ASP B 404 3.53 -16.71 5.47
C ASP B 404 5.02 -16.84 5.20
N SER B 405 5.41 -17.74 4.30
CA SER B 405 6.79 -17.88 3.86
C SER B 405 6.78 -18.60 2.52
N PHE B 406 7.93 -18.61 1.85
CA PHE B 406 8.08 -19.36 0.62
C PHE B 406 8.77 -20.68 0.92
N LYS B 407 8.26 -21.75 0.34
CA LYS B 407 9.01 -23.01 0.31
C LYS B 407 10.10 -22.88 -0.75
N VAL B 408 11.27 -23.47 -0.47
CA VAL B 408 12.35 -23.43 -1.45
C VAL B 408 12.15 -24.55 -2.46
N LYS B 409 12.17 -24.21 -3.74
CA LYS B 409 12.02 -25.20 -4.81
C LYS B 409 13.24 -26.12 -4.82
N GLN B 410 13.00 -27.43 -4.71
CA GLN B 410 14.10 -28.35 -4.47
C GLN B 410 14.99 -28.50 -5.69
N LYS B 411 14.39 -28.57 -6.89
CA LYS B 411 15.13 -28.55 -8.15
C LYS B 411 14.60 -27.38 -8.98
N PHE B 412 15.51 -26.49 -9.38
CA PHE B 412 15.12 -25.20 -9.97
C PHE B 412 14.16 -25.36 -11.15
N PHE B 413 14.39 -26.37 -11.99
CA PHE B 413 13.64 -26.51 -13.24
C PHE B 413 12.56 -27.60 -13.18
N ALA B 414 12.42 -28.30 -12.06
CA ALA B 414 11.48 -29.41 -11.96
C ALA B 414 10.11 -28.88 -11.50
N GLY B 415 9.27 -29.76 -10.96
CA GLY B 415 7.95 -29.36 -10.50
C GLY B 415 6.99 -28.99 -11.61
N ALA B 421 3.70 -21.04 -5.14
CA ALA B 421 3.88 -21.85 -3.94
C ALA B 421 5.33 -21.87 -3.46
N THR B 422 6.22 -22.37 -4.33
CA THR B 422 7.60 -22.66 -3.95
C THR B 422 8.53 -21.80 -4.78
N PHE B 423 9.49 -21.17 -4.12
CA PHE B 423 10.26 -20.15 -4.82
C PHE B 423 11.51 -20.76 -5.44
N PRO B 424 11.79 -20.46 -6.72
CA PRO B 424 12.99 -21.01 -7.40
C PRO B 424 14.32 -20.32 -7.08
N VAL B 425 14.90 -20.68 -5.95
CA VAL B 425 16.24 -20.19 -5.60
C VAL B 425 17.26 -20.78 -6.56
N PRO B 426 18.10 -19.97 -7.22
CA PRO B 426 18.92 -20.50 -8.33
C PRO B 426 20.20 -21.19 -7.93
N TYR B 427 20.65 -21.11 -6.67
CA TYR B 427 21.88 -21.72 -6.23
C TYR B 427 21.59 -22.64 -5.05
N ASP B 428 22.60 -23.41 -4.66
CA ASP B 428 22.41 -24.47 -3.67
C ASP B 428 22.37 -23.92 -2.26
N LEU B 429 21.56 -24.56 -1.41
CA LEU B 429 21.52 -24.29 0.02
C LEU B 429 21.73 -25.59 0.79
N PRO B 430 22.44 -25.54 1.93
CA PRO B 430 23.08 -24.36 2.49
C PRO B 430 24.36 -24.02 1.71
N PRO B 431 24.77 -22.76 1.71
CA PRO B 431 26.02 -22.40 1.04
C PRO B 431 27.21 -23.04 1.73
N GLU B 432 28.22 -23.39 0.94
CA GLU B 432 29.42 -24.07 1.44
C GLU B 432 30.54 -23.07 1.67
N LEU B 433 31.10 -23.11 2.88
CA LEU B 433 32.15 -22.18 3.25
C LEU B 433 33.40 -22.44 2.42
N TYR B 434 34.13 -21.36 2.10
CA TYR B 434 35.46 -21.50 1.49
C TYR B 434 36.30 -22.47 2.30
N GLY B 435 36.99 -23.37 1.59
CA GLY B 435 38.01 -24.17 2.23
C GLY B 435 39.21 -23.33 2.64
N SER B 436 40.08 -23.92 3.46
CA SER B 436 41.22 -23.16 3.97
C SER B 436 42.17 -22.71 2.86
N LYS B 437 42.19 -23.40 1.72
CA LYS B 437 43.08 -23.01 0.62
C LYS B 437 42.39 -22.09 -0.37
N ASP B 438 41.07 -21.93 -0.26
CA ASP B 438 40.33 -21.09 -1.18
C ASP B 438 40.62 -19.62 -0.95
N ARG B 439 40.50 -18.83 -2.01
CA ARG B 439 40.65 -17.39 -1.95
C ARG B 439 39.56 -16.75 -2.79
N PRO B 440 39.11 -15.55 -2.44
CA PRO B 440 38.13 -14.87 -3.29
C PRO B 440 38.74 -14.53 -4.64
N TRP B 441 37.94 -14.63 -5.70
CA TRP B 441 38.40 -14.16 -6.99
C TRP B 441 38.76 -12.67 -6.90
N ILE B 442 39.98 -12.33 -7.31
CA ILE B 442 40.44 -10.94 -7.37
C ILE B 442 40.95 -10.71 -8.78
N TRP B 443 40.36 -9.73 -9.47
CA TRP B 443 40.44 -9.76 -10.92
C TRP B 443 41.75 -9.16 -11.45
N ASN B 444 42.49 -8.40 -10.64
CA ASN B 444 43.64 -7.66 -11.13
C ASN B 444 44.95 -8.17 -10.54
N ILE B 445 45.01 -9.47 -10.21
CA ILE B 445 46.27 -10.14 -9.90
C ILE B 445 46.38 -11.37 -10.80
N PRO B 446 47.60 -11.85 -11.05
CA PRO B 446 47.76 -12.97 -11.99
C PRO B 446 47.52 -14.32 -11.34
N TYR B 447 47.01 -15.24 -12.15
CA TYR B 447 46.86 -16.64 -11.77
C TYR B 447 47.64 -17.45 -12.80
N VAL B 448 48.83 -17.91 -12.44
CA VAL B 448 49.73 -18.54 -13.38
C VAL B 448 50.18 -19.93 -12.93
N LYS B 449 49.75 -20.41 -11.74
CA LYS B 449 50.13 -21.72 -11.22
C LYS B 449 49.28 -22.86 -11.74
N ALA B 450 48.05 -22.59 -12.16
CA ALA B 450 47.15 -23.65 -12.61
C ALA B 450 46.32 -23.19 -13.79
N PRO B 451 46.37 -23.90 -14.92
CA PRO B 451 45.60 -23.48 -16.10
C PRO B 451 44.10 -23.68 -15.89
N ASP B 452 43.31 -22.91 -16.63
CA ASP B 452 41.86 -22.92 -16.48
C ASP B 452 41.23 -23.92 -17.45
N THR B 453 39.90 -23.84 -17.56
CA THR B 453 39.12 -24.75 -18.39
C THR B 453 39.64 -24.85 -19.82
N HIS B 454 40.21 -23.77 -20.34
CA HIS B 454 40.65 -23.71 -21.72
C HIS B 454 42.17 -23.78 -21.85
N GLY B 455 42.86 -24.18 -20.77
CA GLY B 455 44.30 -24.33 -20.81
C GLY B 455 45.10 -23.06 -20.63
N ASN B 456 44.47 -21.97 -20.19
CA ASN B 456 45.08 -20.65 -20.15
C ASN B 456 45.38 -20.21 -18.74
N MET B 457 46.30 -19.27 -18.63
CA MET B 457 46.60 -18.54 -17.41
C MET B 457 45.95 -17.16 -17.48
N TRP B 458 45.94 -16.46 -16.35
CA TRP B 458 45.31 -15.14 -16.25
C TRP B 458 46.37 -14.11 -15.88
N VAL B 459 46.65 -13.20 -16.80
CA VAL B 459 47.61 -12.12 -16.57
C VAL B 459 46.98 -10.80 -16.95
N PRO B 460 46.43 -10.03 -15.98
CA PRO B 460 45.71 -8.79 -16.26
C PRO B 460 46.62 -7.58 -16.50
#